data_8QRF
#
_entry.id   8QRF
#
_cell.length_a   189.106
_cell.length_b   146.544
_cell.length_c   51.158
_cell.angle_alpha   90.000
_cell.angle_beta   90.000
_cell.angle_gamma   90.000
#
_symmetry.space_group_name_H-M   'P 21 21 2'
#
loop_
_entity.id
_entity.type
_entity.pdbx_description
1 polymer 'Spike protein S1'
2 polymer 'Beta-49 light chain'
3 polymer 'Beta-49 heavy chain'
4 polymer 'XBB-6 heavy chain'
5 polymer 'XBB-6 light chain'
6 branched beta-D-mannopyranose-(1-4)-2-acetamido-2-deoxy-beta-D-glucopyranose-(1-4)-[alpha-L-fucopyranose-(1-6)]2-acetamido-2-deoxy-beta-D-glucopyranose
#
loop_
_entity_poly.entity_id
_entity_poly.type
_entity_poly.pdbx_seq_one_letter_code
_entity_poly.pdbx_strand_id
1 'polypeptide(L)'
;HHHHHHTNLCPFGEVFNATRFASVYAWNRKRISNCVADYSVLYNSASFSTFKCYGVSPTKLNDLCFTNVYADSFVIRGDE
VRQIAPGQTGKIADYNYKLPDDFTGCVIAWNSNNLDSKVGGNYNYRYRLFRKSNLKPFERDISTEIYQAGSKPCNGVEGF
NCYFPLQSYGFQPTNGVGYQPYRVVVLSFELLHAPATVCGKK
;
E
2 'polypeptide(L)'
;AIRMTQSPGTLSLSPGERATLSCRASQSVSSSYLAWYQQKPGQAPRLLIYGASSRATGIPDRFSGSGSGTDFTLTISRLE
PEDFAVYYCQQYGTSPSWTFGQGTKVEIKRTVAAPSVFIFPPSDEQLKSGTASVVCLLNNFYPREAKVQWKVDNALQSGN
SQESVTEQDSKDSTYSLSSTLTLSKADYEKHKVYACEVTHQGLSSPVTKSFNRGEC
;
B
3 'polypeptide(L)'
;EVQLVQSGAEVKKPGSSVKVSCKASGGTFSSSVISWVRQAPGQGLEWMGGIIPLFGSANYAQKFQGRVTITADESTSTAY
MEMTSLRSEDTAVYYCAKVSQWALILFWGQGTLVTVSSASTKGPSVFPLAPSSKSTSGGTAALGCLVKDYFPEPVTVSWN
SGALTSGVHTFPAVLQSSGLYSLSSVVTVPSSSLGTQTYICNVNHKPSNTKVDKKVEPKSCDK
;
A
4 'polypeptide(L)'
;EVQLLESGGGLVQPGRSLRLSCAASGFTFDDYAIHWVRQVPGKGLEWVSGISWNSDTIDYADSVKGRFTISRDNAENSLY
LQMNSLRGEDTALYYCAKSSFPGYSSGWYYGLDVWGQGTTVTVSSASTKGPSVFPLAPSSKSTSGGTAALGCLVKDYFPE
PVTVSWNSGALTSGVHTFPAVLQSSGLYSLSSVVTVPSSSLGTQTYICNVNHKPSNTKVDKRVEPKSCDK
;
H
5 'polypeptide(L)'
;QTVVTQPASVSGSPGQSITISCTGTSSDVGGYNYVSWYQQYPGKAPKVIIFEVGNRPSGVSNRFSGSKSGNTASLTISGL
QAEDEADYYCSSYTSTSTGVFGTGTKVTVLGQPKANPTVTLFPPSSEELQANKATLVCLISDFYPGAVTVAWKADSSPVK
AGVETTTPSKQSNNKYAASSYLSLTPEQWKSHRSYSCQVTHEGSTVEKTVAPTECS
;
L
#
loop_
_chem_comp.id
_chem_comp.type
_chem_comp.name
_chem_comp.formula
BMA D-saccharide, beta linking beta-D-mannopyranose 'C6 H12 O6'
FUC L-saccharide, alpha linking alpha-L-fucopyranose 'C6 H12 O5'
NAG D-saccharide, beta linking 2-acetamido-2-deoxy-beta-D-glucopyranose 'C8 H15 N O6'
#
# COMPACT_ATOMS: atom_id res chain seq x y z
N HIS A 4 24.64 -30.32 -4.69
CA HIS A 4 23.32 -29.85 -4.27
C HIS A 4 22.37 -31.00 -3.97
N HIS A 5 22.59 -32.14 -4.64
CA HIS A 5 21.76 -33.33 -4.45
C HIS A 5 22.05 -34.05 -3.13
N HIS A 6 22.30 -33.32 -2.04
CA HIS A 6 22.66 -33.94 -0.76
C HIS A 6 22.24 -33.02 0.37
N THR A 7 20.99 -33.19 0.83
CA THR A 7 20.47 -32.59 2.06
C THR A 7 20.79 -31.09 2.21
N ASN A 8 19.85 -30.22 1.86
CA ASN A 8 20.07 -28.79 1.93
C ASN A 8 18.92 -28.09 2.65
N LEU A 9 19.16 -26.84 3.04
CA LEU A 9 18.16 -26.01 3.68
C LEU A 9 17.33 -25.30 2.63
N CYS A 10 16.02 -25.42 2.75
CA CYS A 10 15.10 -24.75 1.82
C CYS A 10 15.28 -23.23 1.93
N PRO A 11 15.59 -22.55 0.84
CA PRO A 11 15.82 -21.09 0.90
C PRO A 11 14.52 -20.30 1.01
N PHE A 12 13.83 -20.47 2.13
CA PHE A 12 12.63 -19.69 2.38
C PHE A 12 12.95 -18.24 2.75
N GLY A 13 14.20 -17.93 3.10
CA GLY A 13 14.54 -16.58 3.50
C GLY A 13 14.31 -15.57 2.39
N GLU A 14 14.80 -15.87 1.20
CA GLU A 14 14.66 -14.97 0.05
C GLU A 14 13.22 -14.80 -0.42
N VAL A 15 12.27 -15.31 0.36
CA VAL A 15 10.84 -15.15 0.08
C VAL A 15 10.18 -14.28 1.13
N PHE A 16 10.23 -14.69 2.40
CA PHE A 16 9.56 -13.94 3.45
C PHE A 16 10.31 -12.67 3.81
N ASN A 17 11.62 -12.64 3.58
CA ASN A 17 12.48 -11.60 4.14
C ASN A 17 13.08 -10.70 3.07
N ALA A 18 12.65 -10.85 1.81
CA ALA A 18 13.21 -10.02 0.74
C ALA A 18 12.97 -8.54 1.03
N THR A 19 13.90 -7.72 0.59
CA THR A 19 13.77 -6.28 0.78
C THR A 19 12.49 -5.76 0.14
N ARG A 20 12.18 -6.21 -1.07
CA ARG A 20 11.04 -5.74 -1.82
C ARG A 20 10.25 -6.93 -2.36
N PHE A 21 8.93 -6.80 -2.37
CA PHE A 21 8.05 -7.78 -2.99
C PHE A 21 7.61 -7.32 -4.37
N ALA A 22 7.05 -8.25 -5.13
CA ALA A 22 6.54 -7.93 -6.45
C ALA A 22 5.08 -7.48 -6.37
N SER A 23 4.68 -6.65 -7.33
CA SER A 23 3.28 -6.27 -7.43
C SER A 23 2.43 -7.48 -7.74
N VAL A 24 1.16 -7.43 -7.30
CA VAL A 24 0.32 -8.62 -7.33
C VAL A 24 0.08 -9.09 -8.77
N TYR A 25 -0.08 -8.14 -9.70
CA TYR A 25 -0.33 -8.54 -11.08
C TYR A 25 0.87 -9.28 -11.67
N ALA A 26 2.07 -9.00 -11.17
CA ALA A 26 3.26 -9.74 -11.56
C ALA A 26 3.80 -10.51 -10.37
N TRP A 27 2.96 -11.35 -9.76
CA TRP A 27 3.34 -12.06 -8.55
C TRP A 27 4.51 -13.00 -8.82
N ASN A 28 5.44 -13.04 -7.87
CA ASN A 28 6.63 -13.87 -7.99
C ASN A 28 6.34 -15.28 -7.49
N ARG A 29 7.00 -16.26 -8.11
CA ARG A 29 6.90 -17.65 -7.68
C ARG A 29 8.28 -18.27 -7.66
N LYS A 30 8.63 -18.89 -6.54
CA LYS A 30 9.86 -19.65 -6.41
C LYS A 30 9.53 -21.11 -6.17
N ARG A 31 10.23 -22.00 -6.86
CA ARG A 31 10.04 -23.43 -6.70
C ARG A 31 10.98 -23.94 -5.62
N ILE A 32 10.42 -24.62 -4.62
CA ILE A 32 11.20 -25.21 -3.54
C ILE A 32 11.21 -26.71 -3.76
N SER A 33 12.41 -27.29 -3.84
CA SER A 33 12.54 -28.72 -4.12
C SER A 33 13.80 -29.25 -3.44
N ASN A 34 13.80 -30.56 -3.22
CA ASN A 34 14.89 -31.31 -2.58
C ASN A 34 15.58 -30.54 -1.46
N CYS A 35 14.92 -30.40 -0.32
CA CYS A 35 15.48 -29.72 0.84
C CYS A 35 14.55 -29.95 2.02
N VAL A 36 15.06 -29.68 3.23
CA VAL A 36 14.26 -29.78 4.43
C VAL A 36 14.18 -28.41 5.10
N ALA A 37 13.14 -28.23 5.90
CA ALA A 37 12.90 -26.95 6.55
C ALA A 37 12.16 -27.18 7.86
N ASP A 38 12.55 -26.41 8.89
CA ASP A 38 11.90 -26.49 10.19
C ASP A 38 10.72 -25.54 10.18
N TYR A 39 9.55 -26.07 9.85
CA TYR A 39 8.35 -25.25 9.74
C TYR A 39 7.87 -24.71 11.08
N SER A 40 8.45 -25.18 12.20
CA SER A 40 8.05 -24.64 13.50
C SER A 40 8.38 -23.15 13.60
N VAL A 41 9.49 -22.73 13.00
CA VAL A 41 9.83 -21.31 12.97
C VAL A 41 8.73 -20.51 12.27
N LEU A 42 7.96 -21.17 11.41
CA LEU A 42 6.88 -20.49 10.72
C LEU A 42 5.62 -20.43 11.56
N TYR A 43 5.07 -21.59 11.94
CA TYR A 43 3.78 -21.60 12.63
C TYR A 43 3.88 -21.20 14.09
N ASN A 44 5.08 -20.99 14.62
CA ASN A 44 5.25 -20.43 15.95
C ASN A 44 5.62 -18.96 15.91
N SER A 45 5.56 -18.34 14.74
CA SER A 45 5.81 -16.91 14.62
C SER A 45 4.56 -16.12 14.92
N ALA A 46 4.72 -15.02 15.64
CA ALA A 46 3.60 -14.13 15.95
C ALA A 46 3.54 -12.93 15.03
N SER A 47 4.52 -12.75 14.15
CA SER A 47 4.60 -11.61 13.23
C SER A 47 3.60 -11.70 12.09
N PHE A 48 2.61 -12.58 12.16
CA PHE A 48 1.68 -12.80 11.05
C PHE A 48 0.27 -12.41 11.46
N SER A 49 -0.43 -11.71 10.56
CA SER A 49 -1.81 -11.33 10.77
C SER A 49 -2.81 -12.24 10.08
N THR A 50 -2.33 -13.12 9.18
CA THR A 50 -3.19 -14.08 8.50
C THR A 50 -2.39 -15.35 8.29
N PHE A 51 -2.91 -16.48 8.75
CA PHE A 51 -2.25 -17.77 8.64
C PHE A 51 -3.35 -18.83 8.50
N LYS A 52 -4.03 -18.79 7.37
CA LYS A 52 -5.12 -19.72 7.08
C LYS A 52 -4.59 -20.84 6.19
N CYS A 53 -4.66 -22.07 6.68
CA CYS A 53 -4.25 -23.24 5.91
C CYS A 53 -5.46 -24.02 5.42
N TYR A 54 -5.30 -24.64 4.25
CA TYR A 54 -6.38 -25.38 3.59
C TYR A 54 -5.82 -26.73 3.16
N GLY A 55 -6.34 -27.80 3.74
CA GLY A 55 -5.90 -29.15 3.43
C GLY A 55 -4.74 -29.65 4.27
N VAL A 56 -4.01 -28.75 4.93
CA VAL A 56 -2.91 -29.11 5.81
C VAL A 56 -3.09 -28.40 7.14
N SER A 57 -2.79 -29.10 8.21
CA SER A 57 -2.73 -28.45 9.51
C SER A 57 -1.42 -27.68 9.62
N PRO A 58 -1.45 -26.44 10.10
CA PRO A 58 -0.20 -25.66 10.18
C PRO A 58 0.81 -26.30 11.12
N THR A 59 0.35 -26.63 12.32
CA THR A 59 1.21 -27.15 13.38
C THR A 59 1.73 -28.53 13.02
N LYS A 60 1.33 -29.05 11.87
CA LYS A 60 1.66 -30.41 11.46
C LYS A 60 2.62 -30.45 10.29
N LEU A 61 3.15 -29.30 9.86
CA LEU A 61 3.98 -29.26 8.65
C LEU A 61 5.29 -30.03 8.79
N ASN A 62 5.78 -30.24 10.02
CA ASN A 62 7.03 -30.98 10.20
C ASN A 62 6.85 -32.49 10.05
N ASP A 63 5.62 -32.99 10.18
CA ASP A 63 5.34 -34.41 10.09
C ASP A 63 5.02 -34.87 8.68
N LEU A 64 4.95 -33.95 7.72
CA LEU A 64 4.59 -34.27 6.35
C LEU A 64 5.75 -34.00 5.41
N CYS A 65 5.73 -34.70 4.27
CA CYS A 65 6.67 -34.48 3.18
C CYS A 65 5.89 -34.24 1.90
N PHE A 66 6.50 -33.49 0.98
CA PHE A 66 5.81 -33.10 -0.24
C PHE A 66 6.73 -33.24 -1.43
N THR A 67 6.14 -33.43 -2.61
CA THR A 67 6.92 -33.59 -3.83
C THR A 67 7.54 -32.26 -4.26
N ASN A 68 6.74 -31.20 -4.28
CA ASN A 68 7.24 -29.87 -4.58
C ASN A 68 6.47 -28.86 -3.74
N VAL A 69 7.10 -27.73 -3.46
CA VAL A 69 6.48 -26.64 -2.72
C VAL A 69 6.63 -25.36 -3.54
N TYR A 70 5.53 -24.63 -3.71
CA TYR A 70 5.53 -23.38 -4.47
C TYR A 70 5.19 -22.22 -3.54
N ALA A 71 6.04 -21.20 -3.57
CA ALA A 71 5.86 -20.00 -2.76
C ALA A 71 5.58 -18.83 -3.70
N ASP A 72 4.34 -18.35 -3.68
CA ASP A 72 3.93 -17.19 -4.45
C ASP A 72 3.84 -15.99 -3.52
N SER A 73 4.45 -14.87 -3.91
CA SER A 73 4.56 -13.70 -3.06
C SER A 73 4.21 -12.44 -3.84
N PHE A 74 3.60 -11.49 -3.13
CA PHE A 74 3.18 -10.22 -3.71
C PHE A 74 2.71 -9.30 -2.58
N VAL A 75 2.30 -8.09 -2.96
CA VAL A 75 1.78 -7.10 -2.02
C VAL A 75 0.40 -6.66 -2.50
N ILE A 76 -0.56 -6.60 -1.57
CA ILE A 76 -1.92 -6.15 -1.87
C ILE A 76 -2.39 -5.26 -0.72
N ARG A 77 -3.58 -4.70 -0.91
CA ARG A 77 -4.21 -3.89 0.13
C ARG A 77 -4.67 -4.78 1.29
N GLY A 78 -4.99 -4.14 2.41
CA GLY A 78 -5.41 -4.89 3.58
C GLY A 78 -6.76 -5.56 3.39
N ASP A 79 -7.75 -4.81 2.91
CA ASP A 79 -9.08 -5.37 2.70
C ASP A 79 -9.10 -6.39 1.57
N GLU A 80 -8.06 -6.44 0.74
CA GLU A 80 -7.99 -7.37 -0.37
C GLU A 80 -7.35 -8.71 0.02
N VAL A 81 -6.88 -8.85 1.26
CA VAL A 81 -6.21 -10.07 1.67
C VAL A 81 -7.19 -11.24 1.71
N ARG A 82 -8.44 -10.97 2.11
CA ARG A 82 -9.44 -12.03 2.23
C ARG A 82 -9.79 -12.66 0.89
N GLN A 83 -9.39 -12.05 -0.23
CA GLN A 83 -9.63 -12.64 -1.53
C GLN A 83 -8.65 -13.74 -1.88
N ILE A 84 -7.45 -13.73 -1.27
CA ILE A 84 -6.49 -14.80 -1.47
C ILE A 84 -6.97 -16.03 -0.71
N ALA A 85 -8.03 -16.67 -1.22
CA ALA A 85 -8.62 -17.82 -0.58
C ALA A 85 -9.43 -18.57 -1.62
N PRO A 86 -9.53 -19.90 -1.52
CA PRO A 86 -10.29 -20.65 -2.53
C PRO A 86 -11.77 -20.28 -2.50
N GLY A 87 -12.33 -20.08 -3.69
CA GLY A 87 -13.72 -19.73 -3.85
C GLY A 87 -14.04 -18.25 -3.72
N GLN A 88 -13.04 -17.41 -3.50
CA GLN A 88 -13.26 -15.98 -3.34
C GLN A 88 -13.18 -15.26 -4.68
N THR A 89 -13.92 -14.17 -4.78
CA THR A 89 -13.94 -13.33 -5.98
C THR A 89 -13.68 -11.88 -5.60
N GLY A 90 -13.29 -11.10 -6.59
CA GLY A 90 -12.96 -9.71 -6.37
C GLY A 90 -11.97 -9.24 -7.42
N LYS A 91 -11.57 -7.97 -7.29
CA LYS A 91 -10.65 -7.38 -8.24
C LYS A 91 -9.32 -8.12 -8.28
N ILE A 92 -8.83 -8.55 -7.12
CA ILE A 92 -7.54 -9.24 -7.07
C ILE A 92 -7.69 -10.69 -7.50
N ALA A 93 -8.75 -11.36 -7.06
CA ALA A 93 -8.92 -12.77 -7.39
C ALA A 93 -9.28 -12.98 -8.86
N ASP A 94 -10.01 -12.04 -9.45
CA ASP A 94 -10.43 -12.20 -10.83
C ASP A 94 -9.32 -11.82 -11.81
N TYR A 95 -8.54 -10.78 -11.51
CA TYR A 95 -7.65 -10.18 -12.49
C TYR A 95 -6.16 -10.24 -12.13
N ASN A 96 -5.80 -10.61 -10.89
CA ASN A 96 -4.41 -10.50 -10.47
C ASN A 96 -3.83 -11.83 -10.01
N TYR A 97 -4.40 -12.45 -8.98
CA TYR A 97 -3.90 -13.72 -8.46
C TYR A 97 -5.08 -14.54 -7.97
N LYS A 98 -5.19 -15.78 -8.46
CA LYS A 98 -6.35 -16.62 -8.22
C LYS A 98 -5.91 -17.99 -7.74
N LEU A 99 -6.48 -18.43 -6.60
CA LEU A 99 -6.26 -19.76 -6.05
C LEU A 99 -7.36 -20.71 -6.52
N PRO A 100 -7.01 -21.96 -6.79
CA PRO A 100 -8.03 -22.93 -7.21
C PRO A 100 -8.96 -23.27 -6.07
N ASP A 101 -10.13 -23.78 -6.43
CA ASP A 101 -11.08 -24.23 -5.41
C ASP A 101 -10.49 -25.37 -4.58
N ASP A 102 -9.63 -26.19 -5.19
CA ASP A 102 -9.04 -27.35 -4.54
C ASP A 102 -7.64 -27.06 -4.01
N PHE A 103 -7.37 -25.81 -3.62
CA PHE A 103 -6.03 -25.43 -3.24
C PHE A 103 -5.60 -26.14 -1.97
N THR A 104 -4.32 -26.54 -1.93
CA THR A 104 -3.74 -27.18 -0.76
C THR A 104 -2.49 -26.42 -0.36
N GLY A 105 -2.49 -25.83 0.81
CA GLY A 105 -1.40 -24.96 1.23
C GLY A 105 -1.90 -23.98 2.29
N CYS A 106 -1.16 -22.88 2.42
CA CYS A 106 -1.47 -21.89 3.44
C CYS A 106 -1.29 -20.49 2.86
N VAL A 107 -2.09 -19.56 3.36
CA VAL A 107 -2.06 -18.15 2.95
C VAL A 107 -1.58 -17.33 4.13
N ILE A 108 -0.40 -16.74 3.99
CA ILE A 108 0.27 -16.01 5.07
C ILE A 108 0.34 -14.54 4.69
N ALA A 109 -0.01 -13.66 5.63
CA ALA A 109 -0.03 -12.23 5.36
C ALA A 109 0.32 -11.48 6.64
N TRP A 110 1.02 -10.36 6.47
CA TRP A 110 1.37 -9.48 7.58
C TRP A 110 1.42 -8.04 7.09
N ASN A 111 1.11 -7.11 7.98
CA ASN A 111 1.15 -5.69 7.64
C ASN A 111 2.57 -5.27 7.31
N SER A 112 2.73 -4.53 6.22
CA SER A 112 4.04 -4.07 5.79
C SER A 112 4.06 -2.57 5.52
N ASN A 113 3.23 -1.81 6.26
CA ASN A 113 3.25 -0.36 6.13
C ASN A 113 4.62 0.21 6.48
N ASN A 114 5.31 -0.41 7.43
CA ASN A 114 6.65 0.05 7.80
C ASN A 114 7.67 -0.19 6.70
N LEU A 115 7.37 -1.05 5.75
CA LEU A 115 8.32 -1.41 4.70
C LEU A 115 7.99 -0.81 3.34
N ASP A 116 6.72 -0.50 3.07
CA ASP A 116 6.29 -0.15 1.73
C ASP A 116 5.62 1.22 1.60
N SER A 117 5.34 1.92 2.69
CA SER A 117 4.67 3.21 2.60
C SER A 117 5.68 4.34 2.78
N LYS A 118 5.43 5.44 2.07
CA LYS A 118 6.30 6.61 2.09
C LYS A 118 5.46 7.87 2.22
N VAL A 119 5.95 8.82 3.02
CA VAL A 119 5.29 10.12 3.11
C VAL A 119 5.25 10.73 1.71
N GLY A 120 4.06 11.15 1.29
CA GLY A 120 3.84 11.54 -0.08
C GLY A 120 3.25 10.45 -0.94
N GLY A 121 3.18 9.23 -0.43
CA GLY A 121 2.65 8.11 -1.19
C GLY A 121 3.71 7.34 -1.93
N ASN A 122 3.70 6.02 -1.76
CA ASN A 122 4.56 5.11 -2.54
C ASN A 122 3.70 4.49 -3.63
N TYR A 123 4.03 4.79 -4.89
CA TYR A 123 3.26 4.32 -6.03
C TYR A 123 4.01 3.28 -6.85
N ASN A 124 4.92 2.54 -6.20
CA ASN A 124 5.66 1.51 -6.92
C ASN A 124 4.86 0.23 -7.07
N TYR A 125 3.91 -0.01 -6.16
CA TYR A 125 3.10 -1.21 -6.22
C TYR A 125 1.84 -0.95 -7.03
N ARG A 126 1.50 -1.87 -7.92
CA ARG A 126 0.38 -1.71 -8.83
C ARG A 126 -0.48 -2.97 -8.84
N TYR A 127 -1.63 -2.86 -9.52
CA TYR A 127 -2.54 -3.97 -9.71
C TYR A 127 -3.22 -3.82 -11.06
N ARG A 128 -3.79 -4.91 -11.54
CA ARG A 128 -4.53 -4.87 -12.79
C ARG A 128 -5.97 -4.46 -12.52
N LEU A 129 -6.45 -3.44 -13.23
CA LEU A 129 -7.82 -2.98 -13.05
C LEU A 129 -8.83 -3.95 -13.66
N PHE A 130 -8.53 -4.48 -14.85
CA PHE A 130 -9.51 -5.23 -15.60
C PHE A 130 -8.84 -6.31 -16.44
N ARG A 131 -9.64 -7.29 -16.83
CA ARG A 131 -9.21 -8.33 -17.76
C ARG A 131 -10.45 -8.86 -18.47
N LYS A 132 -10.27 -9.24 -19.74
CA LYS A 132 -11.40 -9.70 -20.54
C LYS A 132 -12.12 -10.87 -19.87
N SER A 133 -11.35 -11.83 -19.36
CA SER A 133 -11.88 -12.97 -18.64
C SER A 133 -11.10 -13.17 -17.36
N ASN A 134 -11.73 -13.84 -16.40
CA ASN A 134 -11.11 -14.06 -15.10
C ASN A 134 -9.88 -14.93 -15.24
N LEU A 135 -8.95 -14.77 -14.30
CA LEU A 135 -7.73 -15.55 -14.31
C LEU A 135 -7.99 -17.00 -13.92
N LYS A 136 -7.38 -17.91 -14.66
CA LYS A 136 -7.35 -19.30 -14.24
C LYS A 136 -6.46 -19.44 -13.01
N PRO A 137 -6.65 -20.50 -12.22
CA PRO A 137 -5.82 -20.68 -11.03
C PRO A 137 -4.34 -20.74 -11.39
N PHE A 138 -3.54 -19.93 -10.67
CA PHE A 138 -2.10 -19.84 -10.88
C PHE A 138 -1.75 -19.36 -12.29
N GLU A 139 -2.47 -18.34 -12.75
CA GLU A 139 -2.22 -17.69 -14.03
C GLU A 139 -1.72 -16.27 -13.77
N ARG A 140 -0.69 -15.87 -14.52
CA ARG A 140 -0.06 -14.56 -14.37
C ARG A 140 -0.26 -13.76 -15.64
N ASP A 141 -0.73 -12.53 -15.50
CA ASP A 141 -0.91 -11.62 -16.63
C ASP A 141 -0.12 -10.35 -16.37
N ILE A 142 0.91 -10.11 -17.18
CA ILE A 142 1.74 -8.92 -17.08
C ILE A 142 1.55 -8.00 -18.28
N SER A 143 0.49 -8.19 -19.06
CA SER A 143 0.27 -7.35 -20.22
C SER A 143 0.02 -5.91 -19.79
N THR A 144 0.65 -4.97 -20.50
CA THR A 144 0.47 -3.55 -20.26
C THR A 144 -0.15 -2.86 -21.47
N GLU A 145 -0.84 -3.61 -22.32
CA GLU A 145 -1.41 -3.05 -23.54
C GLU A 145 -2.58 -2.14 -23.21
N ILE A 146 -2.59 -0.95 -23.81
CA ILE A 146 -3.69 -0.01 -23.60
C ILE A 146 -4.92 -0.54 -24.33
N TYR A 147 -6.04 -0.62 -23.61
CA TYR A 147 -7.25 -1.19 -24.16
C TYR A 147 -8.09 -0.12 -24.85
N GLN A 148 -8.60 -0.44 -26.03
CA GLN A 148 -9.45 0.48 -26.79
C GLN A 148 -10.90 0.17 -26.45
N ALA A 149 -11.47 0.93 -25.52
CA ALA A 149 -12.86 0.77 -25.13
C ALA A 149 -13.80 1.70 -25.89
N GLY A 150 -13.29 2.42 -26.88
CA GLY A 150 -14.11 3.35 -27.64
C GLY A 150 -14.11 3.08 -29.13
N SER A 151 -14.52 4.09 -29.90
CA SER A 151 -14.56 3.97 -31.35
C SER A 151 -13.22 4.29 -32.00
N LYS A 152 -12.40 5.09 -31.35
CA LYS A 152 -11.18 5.56 -31.98
C LYS A 152 -9.99 4.70 -31.57
N PRO A 153 -9.09 4.39 -32.49
CA PRO A 153 -7.88 3.66 -32.12
C PRO A 153 -7.03 4.50 -31.17
N CYS A 154 -6.34 3.81 -30.27
CA CYS A 154 -5.60 4.49 -29.21
C CYS A 154 -4.16 4.79 -29.58
N ASN A 155 -3.54 3.97 -30.45
CA ASN A 155 -2.17 4.18 -30.92
C ASN A 155 -1.17 4.23 -29.76
N GLY A 156 -1.52 3.61 -28.64
CA GLY A 156 -0.58 3.45 -27.54
C GLY A 156 -0.50 4.61 -26.58
N VAL A 157 -1.56 5.40 -26.43
CA VAL A 157 -1.59 6.50 -25.48
C VAL A 157 -2.91 6.48 -24.73
N GLU A 158 -2.87 6.90 -23.47
CA GLU A 158 -4.08 6.99 -22.68
C GLU A 158 -5.01 8.06 -23.26
N GLY A 159 -6.31 7.85 -23.10
CA GLY A 159 -7.27 8.77 -23.65
C GLY A 159 -8.63 8.62 -23.03
N PHE A 160 -9.64 9.12 -23.74
CA PHE A 160 -11.03 9.08 -23.31
C PHE A 160 -11.46 7.65 -23.01
N ASN A 161 -11.54 6.82 -24.03
CA ASN A 161 -11.82 5.40 -23.87
C ASN A 161 -10.60 4.56 -24.24
N CYS A 162 -9.43 5.02 -23.80
CA CYS A 162 -8.15 4.33 -24.01
C CYS A 162 -7.49 4.17 -22.65
N TYR A 163 -7.70 3.01 -22.02
CA TYR A 163 -7.32 2.81 -20.63
C TYR A 163 -6.02 2.01 -20.53
N PHE A 164 -5.15 2.45 -19.63
CA PHE A 164 -3.97 1.67 -19.26
C PHE A 164 -4.36 0.64 -18.20
N PRO A 165 -4.00 -0.63 -18.38
CA PRO A 165 -4.62 -1.69 -17.57
C PRO A 165 -4.17 -1.75 -16.11
N LEU A 166 -3.16 -0.99 -15.71
CA LEU A 166 -2.62 -1.07 -14.36
C LEU A 166 -2.74 0.29 -13.67
N GLN A 167 -2.83 0.25 -12.34
CA GLN A 167 -2.94 1.47 -11.54
C GLN A 167 -2.21 1.28 -10.23
N SER A 168 -1.59 2.36 -9.74
CA SER A 168 -0.82 2.31 -8.51
C SER A 168 -1.72 2.25 -7.29
N TYR A 169 -1.18 1.70 -6.20
CA TYR A 169 -1.95 1.58 -4.96
C TYR A 169 -2.03 2.90 -4.21
N GLY A 170 -0.91 3.62 -4.10
CA GLY A 170 -0.89 4.88 -3.39
C GLY A 170 -0.73 4.72 -1.89
N PHE A 171 0.37 4.11 -1.46
CA PHE A 171 0.58 3.76 -0.06
C PHE A 171 1.20 4.94 0.69
N GLN A 172 0.45 5.48 1.64
CA GLN A 172 0.94 6.46 2.59
C GLN A 172 0.98 5.86 3.99
N PRO A 173 1.82 6.38 4.88
CA PRO A 173 1.83 5.88 6.26
C PRO A 173 0.55 6.17 7.04
N THR A 174 -0.24 7.16 6.63
CA THR A 174 -1.42 7.58 7.38
C THR A 174 -2.72 6.96 6.86
N ASN A 175 -2.63 6.06 5.88
CA ASN A 175 -3.83 5.39 5.39
C ASN A 175 -4.44 4.53 6.49
N GLY A 176 -5.72 4.20 6.31
CA GLY A 176 -6.35 3.25 7.19
C GLY A 176 -5.76 1.86 7.02
N VAL A 177 -5.90 1.07 8.08
CA VAL A 177 -5.32 -0.27 8.10
C VAL A 177 -5.82 -1.09 6.93
N GLY A 178 -7.12 -1.02 6.65
CA GLY A 178 -7.68 -1.73 5.53
C GLY A 178 -7.09 -1.30 4.21
N TYR A 179 -6.48 -0.12 4.19
CA TYR A 179 -5.86 0.41 2.98
C TYR A 179 -4.34 0.42 3.05
N GLN A 180 -3.74 -0.27 4.04
CA GLN A 180 -2.29 -0.31 4.15
C GLN A 180 -1.73 -1.51 3.40
N PRO A 181 -0.46 -1.44 2.97
CA PRO A 181 0.12 -2.57 2.22
C PRO A 181 0.29 -3.79 3.11
N TYR A 182 0.04 -4.95 2.54
CA TYR A 182 0.23 -6.22 3.23
C TYR A 182 1.03 -7.15 2.34
N ARG A 183 2.09 -7.74 2.89
CA ARG A 183 2.90 -8.69 2.17
C ARG A 183 2.30 -10.08 2.29
N VAL A 184 2.11 -10.74 1.15
CA VAL A 184 1.40 -12.02 1.09
C VAL A 184 2.34 -13.08 0.53
N VAL A 185 2.35 -14.25 1.15
CA VAL A 185 3.07 -15.42 0.67
C VAL A 185 2.09 -16.58 0.60
N VAL A 186 2.07 -17.27 -0.54
CA VAL A 186 1.17 -18.39 -0.77
C VAL A 186 2.00 -19.64 -0.95
N LEU A 187 2.02 -20.50 0.07
CA LEU A 187 2.72 -21.76 0.00
C LEU A 187 1.79 -22.81 -0.60
N SER A 188 2.24 -23.46 -1.67
CA SER A 188 1.49 -24.52 -2.33
C SER A 188 2.22 -25.84 -2.12
N PHE A 189 1.65 -26.73 -1.33
CA PHE A 189 2.22 -28.05 -1.09
C PHE A 189 1.65 -29.03 -2.10
N GLU A 190 2.52 -29.66 -2.89
CA GLU A 190 2.10 -30.62 -3.91
C GLU A 190 2.55 -32.01 -3.49
N LEU A 191 1.57 -32.88 -3.23
CA LEU A 191 1.82 -34.28 -2.91
C LEU A 191 1.37 -35.11 -4.10
N LEU A 192 2.32 -35.41 -5.00
CA LEU A 192 2.07 -36.16 -6.22
C LEU A 192 2.65 -37.56 -6.07
N HIS A 193 2.80 -38.26 -7.20
CA HIS A 193 3.37 -39.60 -7.20
C HIS A 193 4.89 -39.59 -7.20
N ALA A 194 5.52 -38.41 -7.34
CA ALA A 194 6.96 -38.31 -7.30
C ALA A 194 7.47 -38.63 -5.89
N PRO A 195 8.75 -38.95 -5.76
CA PRO A 195 9.34 -39.05 -4.42
C PRO A 195 9.20 -37.74 -3.67
N ALA A 196 9.02 -37.83 -2.36
CA ALA A 196 8.86 -36.63 -1.56
C ALA A 196 10.23 -36.03 -1.26
N THR A 197 10.37 -34.73 -1.48
CA THR A 197 11.65 -34.03 -1.38
C THR A 197 11.67 -33.01 -0.26
N VAL A 198 10.68 -32.14 -0.20
CA VAL A 198 10.61 -31.08 0.80
C VAL A 198 9.91 -31.66 2.03
N CYS A 199 10.69 -31.92 3.08
CA CYS A 199 10.19 -32.52 4.30
C CYS A 199 10.33 -31.55 5.47
N GLY A 200 9.63 -31.88 6.56
CA GLY A 200 9.81 -31.17 7.81
C GLY A 200 10.82 -31.84 8.71
N LYS A 201 11.24 -31.12 9.73
CA LYS A 201 12.22 -31.64 10.67
C LYS A 201 12.21 -30.87 11.99
N ALA B 1 36.03 -21.42 -6.70
CA ALA B 1 35.33 -20.69 -5.65
C ALA B 1 35.00 -19.26 -6.10
N ILE B 2 33.92 -18.70 -5.55
CA ILE B 2 33.52 -17.35 -5.89
C ILE B 2 34.50 -16.36 -5.27
N ARG B 3 34.89 -15.34 -6.04
CA ARG B 3 35.81 -14.31 -5.59
C ARG B 3 35.11 -12.95 -5.61
N MET B 4 35.13 -12.26 -4.48
CA MET B 4 34.56 -10.92 -4.37
C MET B 4 35.72 -9.92 -4.35
N THR B 5 35.82 -9.11 -5.39
CA THR B 5 36.84 -8.07 -5.48
C THR B 5 36.17 -6.71 -5.40
N GLN B 6 36.55 -5.93 -4.40
CA GLN B 6 35.98 -4.60 -4.21
C GLN B 6 36.82 -3.55 -4.93
N SER B 7 36.20 -2.40 -5.20
CA SER B 7 36.87 -1.30 -5.86
C SER B 7 36.23 -0.01 -5.39
N PRO B 8 37.03 1.03 -5.11
CA PRO B 8 38.50 1.07 -5.15
C PRO B 8 39.10 0.57 -3.85
N GLY B 9 40.42 0.50 -3.77
CA GLY B 9 41.05 0.14 -2.50
C GLY B 9 40.81 1.20 -1.44
N THR B 10 41.10 2.46 -1.79
CA THR B 10 40.89 3.60 -0.90
C THR B 10 40.00 4.62 -1.60
N LEU B 11 39.11 5.24 -0.83
CA LEU B 11 38.20 6.27 -1.36
C LEU B 11 38.39 7.53 -0.54
N SER B 12 39.00 8.55 -1.15
CA SER B 12 39.35 9.80 -0.47
C SER B 12 38.32 10.86 -0.84
N LEU B 13 37.46 11.21 0.11
CA LEU B 13 36.36 12.14 -0.13
C LEU B 13 36.28 13.11 1.04
N SER B 14 35.45 14.13 0.90
CA SER B 14 35.24 15.10 1.96
C SER B 14 33.84 14.95 2.58
N PRO B 15 33.65 15.40 3.82
CA PRO B 15 32.31 15.32 4.42
C PRO B 15 31.29 16.06 3.58
N GLY B 16 30.13 15.41 3.40
CA GLY B 16 29.07 15.93 2.56
C GLY B 16 29.03 15.37 1.15
N GLU B 17 30.04 14.59 0.76
CA GLU B 17 30.11 14.05 -0.58
C GLU B 17 29.40 12.70 -0.68
N ARG B 18 29.29 12.20 -1.91
CA ARG B 18 28.58 10.97 -2.21
C ARG B 18 29.59 9.86 -2.48
N ALA B 19 29.52 8.79 -1.68
CA ALA B 19 30.45 7.68 -1.77
C ALA B 19 29.84 6.55 -2.58
N THR B 20 30.60 6.05 -3.55
CA THR B 20 30.14 4.96 -4.43
C THR B 20 31.17 3.84 -4.37
N LEU B 21 30.83 2.75 -3.69
CA LEU B 21 31.73 1.63 -3.48
C LEU B 21 31.26 0.43 -4.30
N SER B 22 32.22 -0.25 -4.95
CA SER B 22 31.93 -1.34 -5.86
C SER B 22 32.34 -2.67 -5.26
N CYS B 23 31.55 -3.70 -5.57
CA CYS B 23 31.84 -5.08 -5.15
C CYS B 23 31.60 -5.98 -6.36
N ARG B 24 32.68 -6.49 -6.94
CA ARG B 24 32.62 -7.31 -8.14
C ARG B 24 32.68 -8.80 -7.76
N ALA B 25 31.84 -9.59 -8.40
CA ALA B 25 31.76 -11.03 -8.16
C ALA B 25 32.30 -11.80 -9.36
N SER B 26 33.00 -12.91 -9.09
CA SER B 26 33.57 -13.71 -10.16
C SER B 26 32.50 -14.50 -10.91
N GLN B 27 31.43 -14.90 -10.22
CA GLN B 27 30.28 -15.54 -10.83
C GLN B 27 29.03 -14.73 -10.53
N SER B 28 27.92 -15.10 -11.17
CA SER B 28 26.64 -14.51 -10.84
C SER B 28 26.24 -14.93 -9.43
N VAL B 29 25.92 -13.95 -8.59
CA VAL B 29 25.54 -14.18 -7.20
C VAL B 29 24.11 -13.72 -7.01
N SER B 30 23.31 -14.54 -6.34
CA SER B 30 21.94 -14.17 -6.02
C SER B 30 21.93 -12.92 -5.14
N SER B 31 21.14 -11.93 -5.54
CA SER B 31 21.05 -10.68 -4.79
C SER B 31 20.41 -10.87 -3.41
N SER B 32 19.84 -12.03 -3.14
CA SER B 32 19.27 -12.28 -1.82
C SER B 32 20.32 -12.58 -0.77
N TYR B 33 21.54 -12.94 -1.18
CA TYR B 33 22.60 -13.35 -0.26
C TYR B 33 23.86 -12.52 -0.47
N LEU B 34 23.71 -11.20 -0.43
CA LEU B 34 24.85 -10.29 -0.45
C LEU B 34 24.67 -9.27 0.67
N ALA B 35 25.76 -9.03 1.40
CA ALA B 35 25.71 -8.17 2.56
C ALA B 35 26.82 -7.12 2.49
N TRP B 36 26.64 -6.05 3.25
CA TRP B 36 27.63 -4.99 3.41
C TRP B 36 27.87 -4.75 4.88
N TYR B 37 29.13 -4.52 5.25
CA TYR B 37 29.52 -4.31 6.63
C TYR B 37 30.33 -3.02 6.76
N GLN B 38 30.12 -2.30 7.85
CA GLN B 38 30.95 -1.16 8.21
C GLN B 38 31.79 -1.55 9.42
N GLN B 39 33.08 -1.22 9.38
CA GLN B 39 33.97 -1.52 10.48
C GLN B 39 34.77 -0.29 10.83
N LYS B 40 34.62 0.18 12.05
CA LYS B 40 35.50 1.20 12.59
C LYS B 40 36.65 0.54 13.35
N PRO B 41 37.79 1.21 13.46
CA PRO B 41 38.96 0.58 14.10
C PRO B 41 38.67 0.18 15.54
N GLY B 42 39.11 -1.02 15.90
CA GLY B 42 38.90 -1.56 17.22
C GLY B 42 37.49 -2.04 17.50
N GLN B 43 36.63 -2.06 16.48
CA GLN B 43 35.25 -2.48 16.64
C GLN B 43 34.97 -3.70 15.77
N ALA B 44 34.04 -4.52 16.23
CA ALA B 44 33.56 -5.63 15.42
C ALA B 44 32.83 -5.10 14.19
N PRO B 45 32.80 -5.87 13.11
CA PRO B 45 32.08 -5.43 11.91
C PRO B 45 30.61 -5.17 12.21
N ARG B 46 30.11 -4.06 11.68
CA ARG B 46 28.72 -3.65 11.84
C ARG B 46 27.97 -4.01 10.56
N LEU B 47 26.97 -4.86 10.69
CA LEU B 47 26.17 -5.25 9.52
C LEU B 47 25.40 -4.05 9.02
N LEU B 48 25.69 -3.61 7.79
CA LEU B 48 24.98 -2.49 7.18
C LEU B 48 23.78 -2.99 6.38
N ILE B 49 24.05 -3.72 5.31
CA ILE B 49 23.03 -4.13 4.36
C ILE B 49 23.00 -5.66 4.30
N TYR B 50 21.79 -6.22 4.19
CA TYR B 50 21.61 -7.64 3.94
C TYR B 50 20.54 -7.80 2.86
N GLY B 51 20.62 -8.90 2.11
CA GLY B 51 19.73 -9.05 0.98
C GLY B 51 19.88 -7.94 -0.03
N ALA B 52 21.12 -7.53 -0.30
CA ALA B 52 21.47 -6.53 -1.31
C ALA B 52 21.02 -5.11 -0.95
N SER B 53 19.85 -4.97 -0.32
CA SER B 53 19.32 -3.62 -0.12
C SER B 53 18.56 -3.41 1.18
N SER B 54 18.41 -4.42 2.03
CA SER B 54 17.73 -4.21 3.31
C SER B 54 18.69 -3.56 4.31
N ARG B 55 18.24 -2.50 4.97
CA ARG B 55 19.03 -1.82 5.98
C ARG B 55 18.81 -2.49 7.33
N ALA B 56 19.92 -2.74 8.03
CA ALA B 56 19.83 -3.29 9.38
C ALA B 56 19.22 -2.25 10.33
N THR B 57 18.90 -2.71 11.53
CA THR B 57 18.27 -1.84 12.52
C THR B 57 19.20 -0.69 12.86
N GLY B 58 18.66 0.53 12.83
CA GLY B 58 19.41 1.71 13.21
C GLY B 58 20.28 2.30 12.13
N ILE B 59 20.40 1.65 10.98
CA ILE B 59 21.23 2.20 9.89
C ILE B 59 20.49 3.36 9.24
N PRO B 60 21.10 4.53 9.09
CA PRO B 60 20.41 5.66 8.49
C PRO B 60 20.12 5.45 7.02
N ASP B 61 19.17 6.24 6.50
CA ASP B 61 18.71 6.08 5.13
C ASP B 61 19.76 6.48 4.10
N ARG B 62 20.80 7.21 4.51
CA ARG B 62 21.80 7.66 3.54
C ARG B 62 22.66 6.51 3.02
N PHE B 63 22.57 5.32 3.62
CA PHE B 63 23.25 4.13 3.12
C PHE B 63 22.26 3.31 2.30
N SER B 64 22.61 3.03 1.04
CA SER B 64 21.74 2.25 0.16
C SER B 64 22.59 1.27 -0.61
N GLY B 65 22.13 0.03 -0.68
CA GLY B 65 22.79 -1.01 -1.45
C GLY B 65 21.97 -1.34 -2.69
N SER B 66 22.66 -1.73 -3.75
CA SER B 66 22.00 -2.02 -5.02
C SER B 66 22.87 -2.97 -5.82
N GLY B 67 22.37 -3.37 -6.99
CA GLY B 67 23.09 -4.24 -7.90
C GLY B 67 22.43 -5.61 -8.02
N SER B 68 23.03 -6.43 -8.87
CA SER B 68 22.59 -7.80 -9.11
C SER B 68 23.66 -8.50 -9.93
N GLY B 69 23.52 -9.82 -10.06
CA GLY B 69 24.44 -10.61 -10.86
C GLY B 69 25.85 -10.60 -10.32
N THR B 70 26.69 -9.69 -10.83
CA THR B 70 28.08 -9.60 -10.42
C THR B 70 28.52 -8.21 -9.99
N ASP B 71 27.71 -7.18 -10.23
CA ASP B 71 28.04 -5.81 -9.85
C ASP B 71 27.09 -5.35 -8.75
N PHE B 72 27.64 -5.08 -7.58
CA PHE B 72 26.86 -4.58 -6.46
C PHE B 72 27.46 -3.27 -5.96
N THR B 73 26.59 -2.41 -5.44
CA THR B 73 26.97 -1.03 -5.16
C THR B 73 26.39 -0.58 -3.82
N LEU B 74 27.26 -0.05 -2.96
CA LEU B 74 26.85 0.63 -1.73
C LEU B 74 27.07 2.12 -1.92
N THR B 75 26.00 2.89 -1.77
CA THR B 75 26.05 4.33 -1.96
C THR B 75 25.75 5.05 -0.66
N ILE B 76 26.56 6.06 -0.35
CA ILE B 76 26.35 6.92 0.80
C ILE B 76 26.06 8.31 0.25
N SER B 77 24.79 8.72 0.27
CA SER B 77 24.39 9.93 -0.44
C SER B 77 25.12 11.17 0.08
N ARG B 78 25.29 11.27 1.39
CA ARG B 78 26.01 12.39 1.99
C ARG B 78 26.85 11.86 3.14
N LEU B 79 28.17 12.01 3.01
CA LEU B 79 29.10 11.46 3.99
C LEU B 79 29.09 12.29 5.26
N GLU B 80 28.87 11.62 6.39
CA GLU B 80 29.05 12.21 7.71
C GLU B 80 30.45 11.93 8.21
N PRO B 81 30.90 12.63 9.25
CA PRO B 81 32.21 12.28 9.84
C PRO B 81 32.29 10.84 10.33
N GLU B 82 31.18 10.28 10.80
CA GLU B 82 31.17 8.94 11.38
C GLU B 82 31.17 7.83 10.34
N ASP B 83 31.07 8.17 9.05
CA ASP B 83 30.99 7.14 8.02
C ASP B 83 32.35 6.77 7.44
N PHE B 84 33.36 7.63 7.60
CA PHE B 84 34.70 7.33 7.12
C PHE B 84 35.23 6.09 7.84
N ALA B 85 35.28 4.97 7.12
CA ALA B 85 35.66 3.69 7.71
C ALA B 85 36.02 2.72 6.59
N VAL B 86 36.08 1.44 6.92
CA VAL B 86 36.35 0.37 5.97
C VAL B 86 35.05 -0.41 5.77
N TYR B 87 34.76 -0.74 4.52
CA TYR B 87 33.51 -1.39 4.16
C TYR B 87 33.80 -2.67 3.39
N TYR B 88 33.19 -3.77 3.85
CA TYR B 88 33.34 -5.08 3.23
C TYR B 88 32.01 -5.55 2.67
N CYS B 89 32.08 -6.30 1.56
CA CYS B 89 30.93 -7.00 1.01
C CYS B 89 31.13 -8.50 1.15
N GLN B 90 30.02 -9.21 1.37
CA GLN B 90 30.05 -10.64 1.66
C GLN B 90 29.01 -11.36 0.84
N GLN B 91 29.45 -12.39 0.12
CA GLN B 91 28.55 -13.36 -0.49
C GLN B 91 28.28 -14.48 0.51
N TYR B 92 27.01 -14.86 0.63
CA TYR B 92 26.66 -15.99 1.48
C TYR B 92 25.50 -16.78 0.87
N GLY B 93 24.72 -17.44 1.70
CA GLY B 93 23.60 -18.22 1.22
C GLY B 93 23.18 -19.25 2.25
N THR B 94 22.30 -20.15 1.81
CA THR B 94 21.79 -21.23 2.64
C THR B 94 22.71 -22.46 2.64
N SER B 95 23.94 -22.31 2.14
CA SER B 95 24.94 -23.35 2.16
C SER B 95 26.20 -22.84 2.85
N PRO B 96 26.93 -23.72 3.54
CA PRO B 96 28.20 -23.30 4.15
C PRO B 96 29.25 -22.97 3.11
N SER B 97 29.14 -21.81 2.47
CA SER B 97 30.09 -21.40 1.44
C SER B 97 29.95 -19.88 1.26
N TRP B 98 30.77 -19.14 1.99
CA TRP B 98 30.73 -17.68 1.99
C TRP B 98 32.09 -17.12 1.62
N THR B 99 32.09 -15.92 1.04
CA THR B 99 33.32 -15.18 0.77
C THR B 99 33.11 -13.71 1.10
N PHE B 100 34.21 -13.02 1.37
CA PHE B 100 34.21 -11.59 1.65
C PHE B 100 35.10 -10.87 0.64
N GLY B 101 34.75 -9.62 0.37
CA GLY B 101 35.64 -8.75 -0.37
C GLY B 101 36.80 -8.30 0.51
N GLN B 102 37.83 -7.77 -0.14
CA GLN B 102 39.01 -7.35 0.60
C GLN B 102 38.81 -6.02 1.33
N GLY B 103 37.79 -5.25 0.99
CA GLY B 103 37.47 -4.05 1.73
C GLY B 103 37.84 -2.79 0.98
N THR B 104 37.17 -1.69 1.35
CA THR B 104 37.42 -0.37 0.79
C THR B 104 37.44 0.64 1.92
N LYS B 105 38.55 1.36 2.04
CA LYS B 105 38.70 2.37 3.09
C LYS B 105 38.21 3.70 2.57
N VAL B 106 37.22 4.27 3.24
CA VAL B 106 36.73 5.61 2.94
C VAL B 106 37.35 6.56 3.94
N GLU B 107 38.27 7.40 3.47
CA GLU B 107 38.94 8.38 4.32
C GLU B 107 38.67 9.78 3.80
N ILE B 108 38.97 10.77 4.64
CA ILE B 108 38.65 12.15 4.30
C ILE B 108 39.69 12.70 3.32
N LYS B 109 39.30 13.73 2.57
CA LYS B 109 40.21 14.52 1.75
C LYS B 109 40.63 15.78 2.49
N ARG B 110 41.73 16.38 2.04
CA ARG B 110 42.60 17.19 2.90
C ARG B 110 42.26 18.67 2.91
N THR B 111 42.10 19.21 4.12
CA THR B 111 42.40 20.60 4.42
C THR B 111 43.64 20.64 5.31
N VAL B 112 44.48 21.62 5.10
CA VAL B 112 45.89 21.52 5.48
C VAL B 112 46.10 21.97 6.92
N ALA B 113 46.46 21.03 7.79
CA ALA B 113 46.92 21.31 9.14
C ALA B 113 48.25 20.59 9.34
N ALA B 114 49.28 21.35 9.75
CA ALA B 114 50.62 20.81 9.93
C ALA B 114 50.74 20.09 11.26
N PRO B 115 51.72 19.18 11.40
CA PRO B 115 51.88 18.45 12.66
C PRO B 115 52.70 19.22 13.69
N SER B 116 52.26 19.13 14.94
CA SER B 116 53.02 19.64 16.07
C SER B 116 53.94 18.54 16.57
N VAL B 117 55.24 18.79 16.54
CA VAL B 117 56.25 17.77 16.79
C VAL B 117 56.83 17.94 18.19
N PHE B 118 56.96 16.83 18.91
CA PHE B 118 57.59 16.80 20.23
C PHE B 118 58.51 15.60 20.32
N ILE B 119 59.67 15.78 20.94
CA ILE B 119 60.62 14.70 21.14
C ILE B 119 60.77 14.49 22.64
N PHE B 120 60.92 13.23 23.05
CA PHE B 120 61.00 12.89 24.46
C PHE B 120 62.26 12.07 24.72
N PRO B 121 63.16 12.53 25.58
CA PRO B 121 64.32 11.72 25.95
C PRO B 121 63.88 10.50 26.76
N PRO B 122 64.67 9.44 26.78
CA PRO B 122 64.31 8.28 27.60
C PRO B 122 64.35 8.65 29.08
N SER B 123 63.44 8.05 29.84
CA SER B 123 63.40 8.30 31.27
C SER B 123 64.62 7.69 31.95
N ASP B 124 65.03 8.30 33.07
CA ASP B 124 66.16 7.77 33.82
C ASP B 124 65.86 6.38 34.35
N GLU B 125 64.63 6.15 34.80
CA GLU B 125 64.27 4.83 35.33
C GLU B 125 64.40 3.76 34.26
N GLN B 126 64.09 4.11 33.01
CA GLN B 126 64.28 3.15 31.92
C GLN B 126 65.76 2.90 31.66
N LEU B 127 66.58 3.94 31.76
CA LEU B 127 68.02 3.78 31.58
C LEU B 127 68.65 2.93 32.69
N LYS B 128 67.97 2.78 33.83
CA LYS B 128 68.44 1.84 34.85
C LYS B 128 68.32 0.40 34.41
N SER B 129 67.54 0.11 33.37
CA SER B 129 67.30 -1.25 32.92
C SER B 129 68.12 -1.64 31.68
N GLY B 130 68.91 -0.71 31.13
CA GLY B 130 69.79 -1.01 30.03
C GLY B 130 69.23 -0.71 28.65
N THR B 131 67.98 -0.25 28.55
CA THR B 131 67.36 0.06 27.27
C THR B 131 66.90 1.51 27.27
N ALA B 132 67.07 2.17 26.13
CA ALA B 132 66.63 3.54 25.94
C ALA B 132 65.63 3.60 24.80
N SER B 133 64.51 4.28 25.02
CA SER B 133 63.47 4.47 24.01
C SER B 133 63.22 5.97 23.83
N VAL B 134 63.47 6.46 22.62
CA VAL B 134 63.23 7.85 22.26
C VAL B 134 61.94 7.93 21.47
N VAL B 135 61.04 8.80 21.91
CA VAL B 135 59.68 8.88 21.35
C VAL B 135 59.53 10.22 20.67
N CYS B 136 59.21 10.19 19.37
CA CYS B 136 58.92 11.38 18.59
C CYS B 136 57.42 11.41 18.30
N LEU B 137 56.79 12.55 18.57
CA LEU B 137 55.34 12.68 18.46
C LEU B 137 54.97 13.63 17.33
N LEU B 138 54.07 13.19 16.46
CA LEU B 138 53.47 14.03 15.43
C LEU B 138 51.99 14.16 15.79
N ASN B 139 51.57 15.36 16.15
CA ASN B 139 50.29 15.58 16.80
C ASN B 139 49.33 16.35 15.90
N ASN B 140 48.11 15.82 15.78
CA ASN B 140 46.98 16.50 15.14
C ASN B 140 47.36 17.06 13.77
N PHE B 141 47.75 16.14 12.90
CA PHE B 141 48.02 16.51 11.51
C PHE B 141 47.06 15.78 10.59
N TYR B 142 47.39 15.80 9.31
CA TYR B 142 46.54 15.46 8.19
C TYR B 142 47.30 16.01 6.99
N PRO B 143 47.36 15.33 5.84
CA PRO B 143 46.76 14.03 5.50
C PRO B 143 47.61 12.98 6.17
N ARG B 144 47.33 11.70 5.97
CA ARG B 144 48.05 10.71 6.76
C ARG B 144 49.53 10.63 6.38
N GLU B 145 49.88 11.00 5.16
CA GLU B 145 51.25 10.86 4.70
C GLU B 145 52.20 11.74 5.50
N ALA B 146 53.24 11.12 6.04
CA ALA B 146 54.25 11.82 6.83
C ALA B 146 55.50 10.95 6.90
N LYS B 147 56.66 11.61 6.95
CA LYS B 147 57.94 10.93 7.02
C LYS B 147 58.63 11.28 8.34
N VAL B 148 59.22 10.27 8.97
CA VAL B 148 59.98 10.43 10.21
C VAL B 148 61.36 9.83 10.00
N GLN B 149 62.38 10.69 10.04
CA GLN B 149 63.77 10.27 9.95
C GLN B 149 64.45 10.51 11.28
N TRP B 150 65.08 9.47 11.83
CA TRP B 150 65.81 9.58 13.08
C TRP B 150 67.27 9.93 12.80
N LYS B 151 67.80 10.91 13.53
CA LYS B 151 69.16 11.38 13.35
C LYS B 151 69.90 11.34 14.68
N VAL B 152 70.92 10.50 14.75
CA VAL B 152 71.76 10.36 15.94
C VAL B 152 73.13 10.89 15.58
N ASP B 153 73.48 12.07 16.14
CA ASP B 153 74.68 12.80 15.76
C ASP B 153 74.71 13.06 14.26
N ASN B 154 73.55 13.42 13.70
CA ASN B 154 73.38 13.72 12.28
C ASN B 154 73.64 12.51 11.39
N ALA B 155 73.60 11.31 11.96
CA ALA B 155 73.65 10.07 11.21
C ALA B 155 72.25 9.51 11.10
N LEU B 156 71.77 9.34 9.86
CA LEU B 156 70.39 8.93 9.64
C LEU B 156 70.18 7.49 10.08
N GLN B 157 69.12 7.25 10.84
CA GLN B 157 68.85 5.92 11.38
C GLN B 157 67.90 5.14 10.48
N SER B 158 67.89 3.83 10.66
CA SER B 158 66.99 2.94 9.95
C SER B 158 67.03 1.57 10.63
N GLY B 159 65.86 0.95 10.75
CA GLY B 159 65.77 -0.38 11.32
C GLY B 159 65.69 -0.44 12.83
N ASN B 160 65.66 0.70 13.52
CA ASN B 160 65.58 0.73 14.97
C ASN B 160 64.42 1.58 15.46
N SER B 161 63.41 1.81 14.63
CA SER B 161 62.28 2.67 14.97
C SER B 161 60.98 1.99 14.58
N GLN B 162 59.96 2.17 15.41
CA GLN B 162 58.63 1.63 15.16
C GLN B 162 57.60 2.77 15.24
N GLU B 163 56.68 2.78 14.29
CA GLU B 163 55.67 3.83 14.19
C GLU B 163 54.29 3.30 14.56
N SER B 164 53.47 4.18 15.12
CA SER B 164 52.09 3.90 15.43
C SER B 164 51.25 5.14 15.17
N VAL B 165 50.13 4.97 14.49
CA VAL B 165 49.26 6.08 14.12
C VAL B 165 47.90 5.88 14.77
N THR B 166 47.35 6.97 15.31
CA THR B 166 45.97 6.93 15.74
C THR B 166 45.05 7.04 14.53
N GLU B 167 43.83 6.55 14.70
CA GLU B 167 42.85 6.64 13.63
C GLU B 167 42.25 8.03 13.57
N GLN B 168 41.68 8.36 12.41
CA GLN B 168 41.21 9.72 12.15
C GLN B 168 40.28 10.19 13.25
N ASP B 169 40.71 11.23 13.95
CA ASP B 169 39.98 11.71 15.11
C ASP B 169 38.55 12.11 14.72
N SER B 170 37.58 11.65 15.50
CA SER B 170 36.17 11.87 15.20
C SER B 170 35.77 13.35 15.27
N LYS B 171 36.61 14.21 15.85
CA LYS B 171 36.24 15.60 16.06
C LYS B 171 36.85 16.54 15.02
N ASP B 172 38.17 16.50 14.87
CA ASP B 172 38.86 17.42 13.96
C ASP B 172 39.38 16.73 12.71
N SER B 173 39.10 15.45 12.53
CA SER B 173 39.49 14.70 11.34
C SER B 173 40.99 14.71 11.12
N THR B 174 41.76 14.72 12.21
CA THR B 174 43.22 14.74 12.14
C THR B 174 43.80 13.41 12.56
N TYR B 175 45.05 13.19 12.19
CA TYR B 175 45.80 12.00 12.57
C TYR B 175 46.94 12.38 13.51
N SER B 176 47.47 11.38 14.21
CA SER B 176 48.61 11.55 15.09
C SER B 176 49.50 10.33 15.01
N LEU B 177 50.81 10.54 15.11
CA LEU B 177 51.80 9.50 14.89
C LEU B 177 52.85 9.54 16.00
N SER B 178 53.36 8.35 16.35
CA SER B 178 54.39 8.20 17.37
C SER B 178 55.44 7.22 16.84
N SER B 179 56.68 7.70 16.73
CA SER B 179 57.81 6.88 16.34
C SER B 179 58.71 6.65 17.55
N THR B 180 59.05 5.40 17.80
CA THR B 180 59.86 5.03 18.97
C THR B 180 61.18 4.44 18.51
N LEU B 181 62.24 5.24 18.60
CA LEU B 181 63.58 4.71 18.40
C LEU B 181 64.01 3.93 19.63
N THR B 182 64.64 2.79 19.42
CA THR B 182 65.07 1.92 20.52
C THR B 182 66.57 1.67 20.38
N LEU B 183 67.33 2.06 21.41
CA LEU B 183 68.77 1.82 21.47
C LEU B 183 69.14 1.20 22.81
N SER B 184 70.18 0.39 22.80
CA SER B 184 70.76 -0.07 24.05
C SER B 184 71.35 1.11 24.80
N LYS B 185 71.45 0.97 26.12
CA LYS B 185 72.02 2.05 26.93
C LYS B 185 73.43 2.37 26.48
N ALA B 186 74.20 1.36 26.08
CA ALA B 186 75.55 1.58 25.61
C ALA B 186 75.57 2.47 24.37
N ASP B 187 74.77 2.12 23.36
CA ASP B 187 74.70 2.95 22.17
C ASP B 187 74.14 4.33 22.48
N TYR B 188 73.16 4.40 23.38
CA TYR B 188 72.53 5.68 23.68
C TYR B 188 73.53 6.66 24.29
N GLU B 189 74.43 6.15 25.14
CA GLU B 189 75.44 7.01 25.74
C GLU B 189 76.62 7.28 24.81
N LYS B 190 76.72 6.56 23.69
CA LYS B 190 77.79 6.81 22.74
C LYS B 190 77.62 8.12 21.97
N HIS B 191 76.41 8.68 21.97
CA HIS B 191 76.09 9.80 21.10
C HIS B 191 75.36 10.88 21.90
N LYS B 192 75.45 12.11 21.39
CA LYS B 192 74.97 13.30 22.08
C LYS B 192 73.68 13.85 21.49
N VAL B 193 73.64 14.05 20.17
CA VAL B 193 72.53 14.73 19.52
C VAL B 193 71.55 13.69 18.98
N TYR B 194 70.30 13.76 19.45
CA TYR B 194 69.23 12.87 19.01
C TYR B 194 68.10 13.71 18.45
N ALA B 195 67.74 13.46 17.20
CA ALA B 195 66.77 14.29 16.50
C ALA B 195 65.88 13.43 15.61
N CYS B 196 64.60 13.81 15.51
CA CYS B 196 63.68 13.24 14.55
C CYS B 196 63.23 14.32 13.57
N GLU B 197 63.41 14.05 12.29
CA GLU B 197 63.07 14.99 11.22
C GLU B 197 61.73 14.59 10.61
N VAL B 198 60.83 15.56 10.50
CA VAL B 198 59.46 15.32 10.07
C VAL B 198 59.23 16.03 8.74
N THR B 199 58.95 15.25 7.70
CA THR B 199 58.55 15.79 6.41
C THR B 199 57.05 15.64 6.26
N HIS B 200 56.38 16.71 5.84
CA HIS B 200 54.93 16.68 5.73
C HIS B 200 54.45 17.80 4.81
N GLN B 201 53.29 17.57 4.18
CA GLN B 201 52.78 18.50 3.20
C GLN B 201 52.47 19.86 3.82
N GLY B 202 51.93 19.88 5.03
CA GLY B 202 51.64 21.11 5.73
C GLY B 202 52.85 21.86 6.22
N LEU B 203 54.06 21.39 5.91
CA LEU B 203 55.31 22.02 6.35
C LEU B 203 56.05 22.54 5.14
N SER B 204 56.33 23.85 5.14
CA SER B 204 57.12 24.44 4.07
C SER B 204 58.48 23.76 3.96
N SER B 205 59.05 23.34 5.08
CA SER B 205 60.33 22.68 5.15
C SER B 205 60.26 21.59 6.20
N PRO B 206 61.10 20.55 6.09
CA PRO B 206 61.13 19.52 7.13
C PRO B 206 61.52 20.10 8.48
N VAL B 207 60.69 19.82 9.48
CA VAL B 207 60.89 20.31 10.85
C VAL B 207 61.66 19.28 11.65
N THR B 208 62.63 19.75 12.44
CA THR B 208 63.49 18.90 13.24
C THR B 208 63.43 19.31 14.70
N LYS B 209 63.10 18.37 15.57
CA LYS B 209 63.14 18.54 17.02
C LYS B 209 64.23 17.63 17.57
N SER B 210 65.09 18.18 18.45
CA SER B 210 66.23 17.45 18.95
C SER B 210 66.49 17.78 20.41
N PHE B 211 67.41 17.02 21.00
CA PHE B 211 67.89 17.27 22.35
C PHE B 211 69.27 16.65 22.48
N ASN B 212 70.13 17.29 23.27
CA ASN B 212 71.47 16.77 23.54
C ASN B 212 71.42 15.96 24.82
N ARG B 213 71.88 14.72 24.75
CA ARG B 213 71.86 13.83 25.91
C ARG B 213 72.66 14.43 27.06
N GLY B 214 72.00 14.62 28.19
CA GLY B 214 72.62 15.17 29.38
C GLY B 214 72.16 16.56 29.74
N GLU B 215 71.64 17.33 28.77
CA GLU B 215 71.15 18.66 29.06
C GLU B 215 69.77 18.58 29.72
N CYS B 216 69.45 19.61 30.49
CA CYS B 216 68.17 19.66 31.21
C CYS B 216 67.04 20.17 30.31
N GLU C 1 15.49 -11.54 19.92
CA GLU C 1 15.58 -12.78 20.70
C GLU C 1 16.85 -13.54 20.37
N VAL C 2 17.20 -13.59 19.09
CA VAL C 2 18.37 -14.34 18.64
C VAL C 2 19.63 -13.62 19.10
N GLN C 3 20.60 -14.38 19.62
CA GLN C 3 21.82 -13.80 20.16
C GLN C 3 22.91 -14.85 20.17
N LEU C 4 24.10 -14.48 19.72
CA LEU C 4 25.26 -15.37 19.67
C LEU C 4 26.27 -14.94 20.72
N VAL C 5 26.63 -15.87 21.60
CA VAL C 5 27.55 -15.60 22.71
C VAL C 5 28.74 -16.55 22.57
N GLN C 6 29.93 -15.98 22.37
CA GLN C 6 31.15 -16.75 22.21
C GLN C 6 31.93 -16.79 23.53
N SER C 7 32.85 -17.74 23.62
CA SER C 7 33.64 -17.89 24.83
C SER C 7 34.71 -16.80 24.92
N GLY C 8 35.31 -16.70 26.10
CA GLY C 8 36.24 -15.62 26.38
C GLY C 8 37.54 -15.72 25.60
N ALA C 9 38.28 -14.62 25.63
CA ALA C 9 39.57 -14.55 24.95
C ALA C 9 40.57 -15.53 25.54
N GLU C 10 41.46 -16.02 24.70
CA GLU C 10 42.43 -17.03 25.10
C GLU C 10 43.82 -16.63 24.62
N VAL C 11 44.82 -17.22 25.27
CA VAL C 11 46.21 -17.10 24.88
C VAL C 11 46.78 -18.52 24.80
N LYS C 12 47.15 -18.94 23.60
CA LYS C 12 47.69 -20.27 23.37
C LYS C 12 49.14 -20.16 22.92
N LYS C 13 49.95 -21.12 23.33
CA LYS C 13 51.33 -21.12 22.86
C LYS C 13 51.42 -21.86 21.54
N PRO C 14 52.45 -21.57 20.74
CA PRO C 14 52.56 -22.19 19.41
C PRO C 14 52.57 -23.71 19.50
N GLY C 15 51.92 -24.35 18.53
CA GLY C 15 51.81 -25.79 18.48
C GLY C 15 50.59 -26.37 19.15
N SER C 16 49.97 -25.63 20.08
CA SER C 16 48.80 -26.12 20.80
C SER C 16 47.57 -25.92 19.93
N SER C 17 46.39 -26.16 20.52
CA SER C 17 45.12 -26.00 19.83
C SER C 17 44.18 -25.20 20.71
N VAL C 18 43.08 -24.74 20.10
CA VAL C 18 42.07 -23.94 20.80
C VAL C 18 40.71 -24.27 20.23
N LYS C 19 39.70 -24.29 21.10
CA LYS C 19 38.32 -24.65 20.73
C LYS C 19 37.39 -23.55 21.22
N VAL C 20 36.95 -22.69 20.30
CA VAL C 20 36.07 -21.57 20.62
C VAL C 20 34.63 -22.02 20.54
N SER C 21 33.83 -21.62 21.53
CA SER C 21 32.42 -21.96 21.57
C SER C 21 31.57 -20.78 21.11
N CYS C 22 30.32 -21.09 20.77
CA CYS C 22 29.39 -20.08 20.26
C CYS C 22 27.98 -20.52 20.64
N LYS C 23 27.44 -19.95 21.71
CA LYS C 23 26.13 -20.32 22.24
C LYS C 23 25.06 -19.45 21.60
N ALA C 24 24.10 -20.09 20.94
CA ALA C 24 23.00 -19.41 20.28
C ALA C 24 21.72 -19.59 21.07
N SER C 25 20.90 -18.55 21.10
CA SER C 25 19.58 -18.61 21.72
C SER C 25 18.56 -18.07 20.73
N GLY C 26 17.35 -18.59 20.80
CA GLY C 26 16.26 -18.13 19.95
C GLY C 26 15.58 -19.22 19.14
N GLY C 27 16.07 -20.46 19.15
CA GLY C 27 15.42 -21.54 18.45
C GLY C 27 15.81 -21.71 16.99
N THR C 28 16.32 -20.65 16.35
CA THR C 28 16.75 -20.74 14.97
C THR C 28 18.10 -21.43 14.81
N PHE C 29 18.54 -22.20 15.81
CA PHE C 29 19.89 -22.77 15.77
C PHE C 29 19.97 -23.91 14.76
N SER C 30 19.13 -24.94 14.93
CA SER C 30 19.24 -26.14 14.11
C SER C 30 19.08 -25.82 12.62
N SER C 31 18.18 -24.90 12.30
CA SER C 31 17.89 -24.55 10.91
C SER C 31 18.65 -23.29 10.51
N SER C 32 19.98 -23.36 10.63
CA SER C 32 20.81 -22.22 10.30
C SER C 32 22.14 -22.68 9.73
N VAL C 33 22.80 -21.79 9.02
CA VAL C 33 24.17 -21.99 8.54
C VAL C 33 25.08 -21.17 9.45
N ILE C 34 25.87 -21.86 10.27
CA ILE C 34 26.71 -21.22 11.29
C ILE C 34 28.15 -21.31 10.82
N SER C 35 28.71 -20.16 10.44
CA SER C 35 30.07 -20.08 9.93
C SER C 35 30.99 -19.47 10.97
N TRP C 36 32.29 -19.52 10.68
CA TRP C 36 33.31 -18.91 11.52
C TRP C 36 34.15 -17.98 10.66
N VAL C 37 34.22 -16.71 11.05
CA VAL C 37 34.95 -15.69 10.30
C VAL C 37 36.14 -15.24 11.14
N ARG C 38 37.29 -15.11 10.49
CA ARG C 38 38.55 -14.77 11.15
C ARG C 38 39.08 -13.46 10.60
N GLN C 39 39.64 -12.63 11.48
CA GLN C 39 40.23 -11.36 11.06
C GLN C 39 41.55 -11.17 11.79
N ALA C 40 42.65 -11.33 11.06
CA ALA C 40 43.96 -11.03 11.62
C ALA C 40 44.11 -9.52 11.78
N PRO C 41 44.92 -9.07 12.75
CA PRO C 41 45.09 -7.63 12.97
C PRO C 41 45.60 -6.94 11.71
N GLY C 42 44.96 -5.83 11.36
CA GLY C 42 45.34 -5.09 10.17
C GLY C 42 44.95 -5.71 8.87
N GLN C 43 44.12 -6.75 8.89
CA GLN C 43 43.68 -7.45 7.69
C GLN C 43 42.16 -7.41 7.59
N GLY C 44 41.63 -8.01 6.53
CA GLY C 44 40.21 -8.04 6.28
C GLY C 44 39.54 -9.28 6.88
N LEU C 45 38.28 -9.46 6.52
CA LEU C 45 37.51 -10.60 7.00
C LEU C 45 37.75 -11.81 6.11
N GLU C 46 37.86 -12.98 6.75
CA GLU C 46 38.16 -14.23 6.06
C GLU C 46 37.21 -15.31 6.55
N TRP C 47 36.50 -15.94 5.62
CA TRP C 47 35.56 -17.01 5.94
C TRP C 47 36.32 -18.33 6.01
N MET C 48 36.26 -18.98 7.17
CA MET C 48 36.98 -20.23 7.39
C MET C 48 36.17 -21.45 6.99
N GLY C 49 34.91 -21.49 7.41
CA GLY C 49 34.06 -22.62 7.12
C GLY C 49 32.72 -22.45 7.78
N GLY C 50 31.87 -23.45 7.60
CA GLY C 50 30.54 -23.43 8.17
C GLY C 50 29.97 -24.83 8.27
N ILE C 51 28.79 -24.92 8.88
CA ILE C 51 28.13 -26.20 9.08
C ILE C 51 26.64 -25.92 9.29
N ILE C 52 25.81 -26.89 8.93
CA ILE C 52 24.37 -26.85 9.18
C ILE C 52 24.06 -27.87 10.27
N PRO C 53 23.60 -27.46 11.44
CA PRO C 53 23.44 -28.42 12.55
C PRO C 53 22.50 -29.58 12.23
N LEU C 54 21.50 -29.36 11.37
CA LEU C 54 20.59 -30.44 11.01
C LEU C 54 21.32 -31.58 10.33
N PHE C 55 22.32 -31.25 9.50
CA PHE C 55 23.04 -32.25 8.72
C PHE C 55 24.39 -32.62 9.31
N GLY C 56 25.03 -31.69 10.02
CA GLY C 56 26.36 -31.95 10.54
C GLY C 56 27.44 -32.05 9.51
N SER C 57 27.17 -31.68 8.26
CA SER C 57 28.14 -31.75 7.16
C SER C 57 28.81 -30.39 7.03
N ALA C 58 30.01 -30.27 7.59
CA ALA C 58 30.74 -29.01 7.56
C ALA C 58 31.49 -28.84 6.24
N ASN C 59 31.61 -27.59 5.82
CA ASN C 59 32.38 -27.23 4.64
C ASN C 59 33.47 -26.25 5.05
N TYR C 60 34.62 -26.33 4.38
CA TYR C 60 35.79 -25.56 4.79
C TYR C 60 36.42 -24.84 3.61
N ALA C 61 36.94 -23.64 3.86
CA ALA C 61 37.78 -22.95 2.90
C ALA C 61 39.10 -23.70 2.73
N GLN C 62 39.71 -23.56 1.55
CA GLN C 62 40.93 -24.31 1.26
C GLN C 62 42.06 -23.92 2.21
N LYS C 63 42.12 -22.65 2.60
CA LYS C 63 43.21 -22.19 3.46
C LYS C 63 43.16 -22.85 4.84
N PHE C 64 41.98 -23.25 5.29
CA PHE C 64 41.81 -23.79 6.63
C PHE C 64 41.39 -25.26 6.63
N GLN C 65 41.52 -25.95 5.50
CA GLN C 65 40.98 -27.31 5.39
C GLN C 65 41.69 -28.29 6.31
N GLY C 66 42.93 -28.00 6.69
CA GLY C 66 43.72 -28.99 7.40
C GLY C 66 43.70 -28.94 8.91
N ARG C 67 43.76 -27.75 9.48
CA ARG C 67 43.92 -27.59 10.93
C ARG C 67 42.67 -27.08 11.63
N VAL C 68 41.56 -26.93 10.92
CA VAL C 68 40.34 -26.34 11.47
C VAL C 68 39.21 -27.35 11.39
N THR C 69 38.49 -27.53 12.50
CA THR C 69 37.34 -28.43 12.56
C THR C 69 36.18 -27.69 13.22
N ILE C 70 35.03 -27.70 12.56
CA ILE C 70 33.84 -26.98 13.03
C ILE C 70 32.77 -28.01 13.35
N THR C 71 32.33 -28.04 14.60
CA THR C 71 31.30 -28.97 15.07
C THR C 71 30.06 -28.21 15.51
N ALA C 72 29.00 -28.96 15.78
CA ALA C 72 27.74 -28.38 16.22
C ALA C 72 27.05 -29.35 17.16
N ASP C 73 26.40 -28.80 18.19
CA ASP C 73 25.73 -29.58 19.24
C ASP C 73 24.29 -29.06 19.34
N GLU C 74 23.37 -29.74 18.66
CA GLU C 74 21.96 -29.32 18.68
C GLU C 74 21.35 -29.41 20.07
N SER C 75 21.92 -30.26 20.95
CA SER C 75 21.34 -30.41 22.28
C SER C 75 21.54 -29.18 23.14
N THR C 76 22.58 -28.40 22.88
CA THR C 76 22.86 -27.21 23.67
C THR C 76 22.90 -25.93 22.84
N SER C 77 22.64 -26.01 21.53
CA SER C 77 22.67 -24.85 20.64
C SER C 77 24.00 -24.12 20.76
N THR C 78 25.08 -24.86 20.56
CA THR C 78 26.43 -24.29 20.65
C THR C 78 27.26 -24.80 19.46
N ALA C 79 27.93 -23.87 18.79
CA ALA C 79 28.87 -24.19 17.72
C ALA C 79 30.30 -24.07 18.23
N TYR C 80 31.20 -24.85 17.62
CA TYR C 80 32.59 -24.87 18.04
C TYR C 80 33.52 -24.75 16.84
N MET C 81 34.65 -24.08 17.07
CA MET C 81 35.72 -23.98 16.08
C MET C 81 37.01 -24.37 16.77
N GLU C 82 37.63 -25.45 16.29
CA GLU C 82 38.84 -26.00 16.88
C GLU C 82 39.96 -25.95 15.85
N MET C 83 41.01 -25.17 16.13
CA MET C 83 42.17 -25.07 15.26
C MET C 83 43.38 -25.65 15.97
N THR C 84 44.03 -26.62 15.33
CA THR C 84 45.23 -27.25 15.85
C THR C 84 46.47 -26.63 15.22
N SER C 85 47.63 -26.99 15.79
CA SER C 85 48.93 -26.52 15.31
C SER C 85 48.95 -24.99 15.17
N LEU C 86 48.57 -24.32 16.25
CA LEU C 86 48.49 -22.87 16.22
C LEU C 86 49.86 -22.24 16.01
N ARG C 87 49.90 -21.25 15.13
CA ARG C 87 51.09 -20.46 14.88
C ARG C 87 50.80 -19.00 15.17
N SER C 88 51.87 -18.20 15.28
CA SER C 88 51.70 -16.77 15.53
C SER C 88 50.91 -16.08 14.43
N GLU C 89 50.85 -16.68 13.24
CA GLU C 89 50.03 -16.12 12.16
C GLU C 89 48.55 -16.35 12.41
N ASP C 90 48.19 -17.27 13.30
CA ASP C 90 46.80 -17.54 13.63
C ASP C 90 46.26 -16.59 14.71
N THR C 91 47.08 -15.68 15.21
CA THR C 91 46.60 -14.66 16.12
C THR C 91 45.61 -13.76 15.39
N ALA C 92 44.35 -13.78 15.83
CA ALA C 92 43.29 -13.06 15.16
C ALA C 92 42.08 -13.02 16.09
N VAL C 93 41.01 -12.39 15.61
CA VAL C 93 39.71 -12.38 16.27
C VAL C 93 38.78 -13.28 15.47
N TYR C 94 38.03 -14.12 16.18
CA TYR C 94 37.23 -15.17 15.55
C TYR C 94 35.77 -14.96 15.88
N TYR C 95 34.94 -14.81 14.84
CA TYR C 95 33.52 -14.58 14.98
C TYR C 95 32.74 -15.79 14.47
N CYS C 96 31.65 -16.12 15.15
CA CYS C 96 30.68 -17.07 14.63
C CYS C 96 29.53 -16.29 14.01
N ALA C 97 29.29 -16.51 12.72
CA ALA C 97 28.22 -15.83 11.99
C ALA C 97 27.20 -16.87 11.55
N LYS C 98 25.93 -16.51 11.67
CA LYS C 98 24.83 -17.46 11.48
C LYS C 98 23.74 -16.84 10.62
N VAL C 99 23.24 -17.61 9.66
CA VAL C 99 22.13 -17.20 8.80
C VAL C 99 20.99 -18.19 8.99
N SER C 100 19.83 -17.71 9.43
CA SER C 100 18.65 -18.54 9.54
C SER C 100 18.02 -18.74 8.17
N GLN C 101 17.49 -19.93 7.93
CA GLN C 101 16.86 -20.22 6.63
C GLN C 101 15.58 -19.43 6.43
N TRP C 102 15.07 -18.77 7.47
CA TRP C 102 13.84 -18.02 7.38
C TRP C 102 14.05 -16.53 7.20
N ALA C 103 15.30 -16.08 7.05
CA ALA C 103 15.59 -14.67 6.85
C ALA C 103 16.89 -14.53 6.07
N LEU C 104 17.17 -13.31 5.61
CA LEU C 104 18.40 -13.02 4.90
C LEU C 104 19.40 -12.27 5.76
N ILE C 105 19.01 -11.88 6.97
CA ILE C 105 19.88 -11.13 7.88
C ILE C 105 20.89 -12.09 8.50
N LEU C 106 22.07 -11.56 8.83
CA LEU C 106 23.14 -12.34 9.43
C LEU C 106 23.27 -12.00 10.91
N PHE C 107 23.40 -13.04 11.73
CA PHE C 107 23.57 -12.89 13.17
C PHE C 107 25.02 -13.17 13.53
N TRP C 108 25.64 -12.24 14.25
CA TRP C 108 27.05 -12.32 14.59
C TRP C 108 27.24 -12.40 16.09
N GLY C 109 28.34 -13.05 16.50
CA GLY C 109 28.78 -13.01 17.88
C GLY C 109 29.65 -11.81 18.13
N GLN C 110 30.13 -11.70 19.37
CA GLN C 110 30.93 -10.57 19.77
C GLN C 110 32.41 -10.75 19.47
N GLY C 111 32.83 -11.93 19.03
CA GLY C 111 34.21 -12.17 18.70
C GLY C 111 35.02 -12.72 19.85
N THR C 112 36.08 -13.43 19.51
CA THR C 112 36.95 -14.08 20.49
C THR C 112 38.40 -13.85 20.09
N LEU C 113 39.18 -13.22 20.97
CA LEU C 113 40.58 -12.91 20.69
C LEU C 113 41.46 -14.08 21.09
N VAL C 114 42.21 -14.61 20.12
CA VAL C 114 43.14 -15.69 20.35
C VAL C 114 44.54 -15.16 20.03
N THR C 115 45.36 -15.02 21.07
CA THR C 115 46.74 -14.58 20.92
C THR C 115 47.65 -15.80 21.01
N VAL C 116 48.44 -16.03 19.97
CA VAL C 116 49.35 -17.17 19.91
C VAL C 116 50.77 -16.69 20.16
N SER C 117 51.34 -17.06 21.30
CA SER C 117 52.74 -16.78 21.58
C SER C 117 53.19 -17.54 22.82
N SER C 118 54.50 -17.55 23.03
CA SER C 118 55.13 -18.18 24.18
C SER C 118 55.78 -17.19 25.13
N ALA C 119 56.21 -16.03 24.64
CA ALA C 119 56.60 -14.93 25.50
C ALA C 119 55.51 -14.75 26.55
N SER C 120 55.73 -15.31 27.74
CA SER C 120 54.67 -15.44 28.73
C SER C 120 54.06 -14.07 29.05
N THR C 121 52.79 -14.11 29.47
CA THR C 121 52.07 -12.93 29.95
C THR C 121 52.94 -12.15 30.92
N LYS C 122 53.01 -10.84 30.73
CA LYS C 122 53.93 -10.02 31.51
C LYS C 122 53.35 -8.64 31.70
N GLY C 123 53.43 -8.11 32.93
CA GLY C 123 52.99 -6.76 33.20
C GLY C 123 53.90 -5.75 32.52
N PRO C 124 53.37 -4.57 32.25
CA PRO C 124 54.15 -3.53 31.57
C PRO C 124 54.90 -2.63 32.53
N SER C 125 56.06 -2.18 32.08
CA SER C 125 56.77 -1.08 32.72
C SER C 125 56.28 0.24 32.14
N VAL C 126 56.12 1.24 33.00
CA VAL C 126 55.53 2.52 32.62
C VAL C 126 56.57 3.60 32.86
N PHE C 127 57.08 4.19 31.78
CA PHE C 127 58.07 5.25 31.86
C PHE C 127 57.46 6.58 31.45
N PRO C 128 57.88 7.68 32.07
CA PRO C 128 57.30 8.98 31.75
C PRO C 128 57.87 9.57 30.47
N LEU C 129 57.01 10.31 29.77
CA LEU C 129 57.42 11.16 28.65
C LEU C 129 57.30 12.60 29.14
N ALA C 130 58.34 13.06 29.84
CA ALA C 130 58.28 14.32 30.55
C ALA C 130 58.13 15.48 29.57
N PRO C 131 57.30 16.48 29.91
CA PRO C 131 57.19 17.65 29.04
C PRO C 131 58.48 18.46 29.03
N SER C 132 58.89 18.86 27.84
CA SER C 132 60.10 19.65 27.70
C SER C 132 59.89 21.06 28.24
N SER C 133 60.95 21.62 28.81
CA SER C 133 60.89 22.99 29.31
C SER C 133 60.97 24.00 28.18
N LYS C 134 61.64 23.66 27.09
CA LYS C 134 61.79 24.57 25.96
C LYS C 134 60.85 24.18 24.83
N GLY C 139 52.90 27.49 23.00
CA GLY C 139 51.93 27.71 24.04
C GLY C 139 51.38 26.43 24.63
N THR C 140 51.46 25.35 23.88
CA THR C 140 51.01 24.04 24.31
C THR C 140 52.20 23.11 24.49
N ALA C 141 52.08 22.18 25.45
CA ALA C 141 53.12 21.22 25.74
C ALA C 141 52.54 19.81 25.67
N ALA C 142 53.43 18.84 25.43
CA ALA C 142 53.04 17.45 25.29
C ALA C 142 53.71 16.61 26.38
N LEU C 143 52.95 15.74 27.00
CA LEU C 143 53.45 14.80 27.99
C LEU C 143 52.78 13.45 27.75
N GLY C 144 53.44 12.39 28.19
CA GLY C 144 52.89 11.07 27.93
C GLY C 144 53.50 9.99 28.80
N CYS C 145 53.03 8.77 28.56
CA CYS C 145 53.50 7.57 29.26
C CYS C 145 53.87 6.51 28.24
N LEU C 146 55.03 5.88 28.45
CA LEU C 146 55.49 4.79 27.59
C LEU C 146 55.20 3.48 28.30
N VAL C 147 54.21 2.74 27.80
CA VAL C 147 53.79 1.47 28.36
C VAL C 147 54.52 0.39 27.55
N LYS C 148 55.63 -0.11 28.09
CA LYS C 148 56.56 -0.93 27.34
C LYS C 148 56.67 -2.32 27.97
N ASP C 149 56.87 -3.32 27.10
CA ASP C 149 57.23 -4.68 27.48
C ASP C 149 56.12 -5.32 28.33
N TYR C 150 54.98 -5.52 27.70
CA TYR C 150 53.90 -6.28 28.30
C TYR C 150 53.42 -7.35 27.33
N PHE C 151 52.71 -8.33 27.88
CA PHE C 151 52.10 -9.35 27.07
C PHE C 151 50.95 -9.97 27.85
N PRO C 152 49.83 -10.30 27.20
CA PRO C 152 49.49 -10.01 25.81
C PRO C 152 48.65 -8.76 25.71
N GLU C 153 47.91 -8.60 24.61
CA GLU C 153 46.98 -7.50 24.48
C GLU C 153 45.73 -7.77 25.32
N PRO C 154 45.06 -6.71 25.79
CA PRO C 154 45.41 -5.29 25.67
C PRO C 154 45.76 -4.62 26.99
N VAL C 155 46.10 -3.33 26.96
CA VAL C 155 46.23 -2.52 28.15
C VAL C 155 45.28 -1.33 28.02
N THR C 156 44.85 -0.81 29.16
CA THR C 156 43.97 0.35 29.20
C THR C 156 44.70 1.50 29.87
N VAL C 157 44.63 2.68 29.25
CA VAL C 157 45.31 3.87 29.75
C VAL C 157 44.27 4.98 29.91
N SER C 158 44.18 5.53 31.12
CA SER C 158 43.40 6.72 31.40
C SER C 158 44.31 7.76 32.03
N TRP C 159 43.83 9.01 32.06
CA TRP C 159 44.59 10.11 32.60
C TRP C 159 43.82 10.78 33.72
N ASN C 160 44.46 10.89 34.89
CA ASN C 160 43.84 11.45 36.09
C ASN C 160 42.55 10.72 36.44
N SER C 161 42.59 9.38 36.37
CA SER C 161 41.43 8.53 36.68
C SER C 161 40.22 8.92 35.83
N GLY C 162 40.46 9.17 34.54
CA GLY C 162 39.41 9.56 33.63
C GLY C 162 39.02 11.02 33.69
N ALA C 163 39.57 11.80 34.63
CA ALA C 163 39.21 13.20 34.71
C ALA C 163 39.84 14.03 33.59
N LEU C 164 40.86 13.49 32.91
CA LEU C 164 41.49 14.17 31.78
C LEU C 164 41.29 13.31 30.54
N THR C 165 40.41 13.76 29.65
CA THR C 165 40.12 13.04 28.41
C THR C 165 40.40 13.84 27.15
N SER C 166 40.51 15.17 27.24
CA SER C 166 40.73 16.00 26.06
C SER C 166 42.20 15.99 25.67
N GLY C 167 42.46 15.81 24.37
CA GLY C 167 43.80 15.82 23.84
C GLY C 167 44.59 14.56 24.05
N VAL C 168 43.98 13.50 24.58
CA VAL C 168 44.69 12.25 24.86
C VAL C 168 44.71 11.41 23.59
N HIS C 169 45.91 11.01 23.17
CA HIS C 169 46.09 10.12 22.04
C HIS C 169 46.82 8.86 22.50
N THR C 170 46.08 7.78 22.64
CA THR C 170 46.64 6.47 23.01
C THR C 170 46.85 5.67 21.73
N PHE C 171 48.10 5.49 21.35
CA PHE C 171 48.42 4.84 20.10
C PHE C 171 48.25 3.33 20.20
N PRO C 172 47.89 2.66 19.11
CA PRO C 172 47.82 1.20 19.12
C PRO C 172 49.20 0.60 19.37
N ALA C 173 49.22 -0.51 20.08
CA ALA C 173 50.47 -1.15 20.44
C ALA C 173 51.19 -1.71 19.22
N VAL C 174 52.49 -1.89 19.36
CA VAL C 174 53.32 -2.53 18.34
C VAL C 174 53.94 -3.78 18.95
N LEU C 175 54.02 -4.84 18.15
CA LEU C 175 54.66 -6.08 18.57
C LEU C 175 56.15 -5.96 18.29
N GLN C 176 56.92 -5.64 19.32
CA GLN C 176 58.35 -5.49 19.17
C GLN C 176 59.00 -6.82 18.77
N SER C 177 60.25 -6.73 18.32
CA SER C 177 60.99 -7.94 17.97
C SER C 177 61.18 -8.87 19.15
N SER C 178 61.09 -8.35 20.38
CA SER C 178 61.22 -9.17 21.58
C SER C 178 60.01 -10.05 21.84
N GLY C 179 58.92 -9.86 21.09
CA GLY C 179 57.68 -10.56 21.36
C GLY C 179 56.77 -9.89 22.36
N LEU C 180 57.23 -8.83 23.00
CA LEU C 180 56.43 -8.06 23.94
C LEU C 180 55.85 -6.83 23.26
N TYR C 181 54.72 -6.36 23.77
CA TYR C 181 54.05 -5.21 23.19
C TYR C 181 54.54 -3.92 23.83
N SER C 182 54.27 -2.81 23.14
CA SER C 182 54.66 -1.50 23.62
C SER C 182 53.78 -0.46 22.94
N LEU C 183 53.32 0.52 23.72
CA LEU C 183 52.55 1.63 23.18
C LEU C 183 52.81 2.87 24.00
N SER C 184 52.54 4.02 23.39
CA SER C 184 52.66 5.31 24.04
C SER C 184 51.29 5.98 24.10
N SER C 185 51.01 6.67 25.20
CA SER C 185 49.79 7.44 25.37
C SER C 185 50.18 8.86 25.74
N VAL C 186 49.83 9.82 24.89
CA VAL C 186 50.24 11.21 25.07
C VAL C 186 49.01 12.09 25.24
N VAL C 187 49.26 13.30 25.74
CA VAL C 187 48.22 14.32 25.87
C VAL C 187 48.89 15.69 25.81
N THR C 188 48.27 16.60 25.06
CA THR C 188 48.76 17.97 24.95
C THR C 188 47.96 18.87 25.88
N VAL C 189 48.66 19.66 26.69
CA VAL C 189 48.04 20.53 27.69
C VAL C 189 48.62 21.93 27.55
N PRO C 190 48.02 22.95 28.15
CA PRO C 190 48.62 24.29 28.12
C PRO C 190 49.92 24.34 28.90
N SER C 191 50.90 25.05 28.34
CA SER C 191 52.22 25.16 28.96
C SER C 191 52.18 25.96 30.26
N SER C 192 51.11 26.72 30.50
CA SER C 192 51.02 27.53 31.71
C SER C 192 50.65 26.70 32.94
N SER C 193 50.05 25.53 32.77
CA SER C 193 49.58 24.71 33.87
C SER C 193 50.50 23.53 34.17
N LEU C 194 51.71 23.50 33.61
CA LEU C 194 52.62 22.39 33.86
C LEU C 194 53.06 22.34 35.32
N GLY C 195 53.30 23.51 35.92
CA GLY C 195 53.69 23.54 37.32
C GLY C 195 52.53 23.50 38.30
N THR C 196 51.31 23.66 37.82
CA THR C 196 50.12 23.72 38.68
C THR C 196 49.34 22.41 38.69
N GLN C 197 49.08 21.84 37.51
CA GLN C 197 48.23 20.66 37.39
C GLN C 197 49.06 19.39 37.47
N THR C 198 48.55 18.41 38.20
CA THR C 198 49.18 17.10 38.31
C THR C 198 48.60 16.16 37.27
N TYR C 199 49.48 15.47 36.54
CA TYR C 199 49.08 14.54 35.50
C TYR C 199 49.59 13.15 35.84
N ILE C 200 48.67 12.19 35.92
CA ILE C 200 48.99 10.81 36.25
C ILE C 200 48.25 9.90 35.27
N CYS C 201 48.98 8.99 34.64
CA CYS C 201 48.39 8.03 33.72
C CYS C 201 48.12 6.73 34.45
N ASN C 202 46.92 6.17 34.24
CA ASN C 202 46.48 4.96 34.93
C ASN C 202 46.50 3.81 33.93
N VAL C 203 47.49 2.93 34.06
CA VAL C 203 47.63 1.77 33.19
C VAL C 203 47.09 0.55 33.93
N ASN C 204 46.23 -0.21 33.26
CA ASN C 204 45.67 -1.43 33.83
C ASN C 204 45.88 -2.56 32.83
N HIS C 205 46.53 -3.63 33.27
CA HIS C 205 46.80 -4.81 32.45
C HIS C 205 46.14 -6.00 33.14
N LYS C 206 44.92 -6.31 32.72
CA LYS C 206 44.10 -7.36 33.33
C LYS C 206 44.68 -8.76 33.21
N PRO C 207 45.31 -9.15 32.09
CA PRO C 207 45.90 -10.50 32.04
C PRO C 207 46.89 -10.79 33.14
N SER C 208 47.73 -9.81 33.51
CA SER C 208 48.71 -10.00 34.56
C SER C 208 48.29 -9.39 35.89
N ASN C 209 47.09 -8.80 35.96
CA ASN C 209 46.58 -8.19 37.18
C ASN C 209 47.51 -7.09 37.68
N THR C 210 47.82 -6.15 36.80
CA THR C 210 48.78 -5.08 37.08
C THR C 210 48.08 -3.73 36.95
N LYS C 211 48.09 -2.96 38.03
CA LYS C 211 47.66 -1.57 38.02
C LYS C 211 48.86 -0.68 38.35
N VAL C 212 49.13 0.29 37.48
CA VAL C 212 50.27 1.19 37.66
C VAL C 212 49.82 2.62 37.39
N ASP C 213 50.01 3.49 38.36
CA ASP C 213 49.78 4.93 38.20
C ASP C 213 51.13 5.63 38.26
N LYS C 214 51.50 6.31 37.18
CA LYS C 214 52.79 6.98 37.07
C LYS C 214 52.59 8.48 36.97
N LYS C 215 53.35 9.22 37.77
CA LYS C 215 53.25 10.67 37.81
C LYS C 215 54.26 11.27 36.83
N VAL C 216 53.76 12.00 35.84
CA VAL C 216 54.60 12.60 34.80
C VAL C 216 54.88 14.05 35.20
N GLU C 217 56.12 14.33 35.55
CA GLU C 217 56.54 15.65 36.00
C GLU C 217 57.55 16.25 35.04
N PRO C 218 57.63 17.58 34.96
CA PRO C 218 58.63 18.20 34.08
C PRO C 218 60.04 17.91 34.55
N LYS C 219 60.97 17.98 33.59
CA LYS C 219 62.37 17.70 33.87
C LYS C 219 63.09 18.91 34.47
N GLU D 1 -18.98 7.40 -30.36
CA GLU D 1 -19.18 7.35 -28.92
C GLU D 1 -19.71 5.99 -28.48
N VAL D 2 -19.61 5.70 -27.18
CA VAL D 2 -20.18 4.49 -26.61
C VAL D 2 -21.68 4.68 -26.44
N GLN D 3 -22.46 3.72 -26.91
CA GLN D 3 -23.91 3.88 -26.96
C GLN D 3 -24.60 2.53 -26.82
N LEU D 4 -25.70 2.53 -26.09
CA LEU D 4 -26.57 1.37 -25.93
C LEU D 4 -28.01 1.82 -26.17
N LEU D 5 -28.71 1.12 -27.06
CA LEU D 5 -30.09 1.45 -27.39
C LEU D 5 -30.95 0.20 -27.22
N GLU D 6 -32.07 0.34 -26.53
CA GLU D 6 -32.96 -0.78 -26.28
C GLU D 6 -34.20 -0.68 -27.15
N SER D 7 -34.74 -1.83 -27.53
CA SER D 7 -35.94 -1.90 -28.36
C SER D 7 -36.73 -3.16 -27.99
N GLY D 8 -37.97 -3.19 -28.45
CA GLY D 8 -38.81 -4.37 -28.30
C GLY D 8 -39.76 -4.37 -27.12
N GLY D 9 -40.04 -3.21 -26.52
CA GLY D 9 -41.01 -3.14 -25.45
C GLY D 9 -42.39 -2.76 -25.95
N GLY D 10 -43.32 -2.70 -25.01
CA GLY D 10 -44.71 -2.42 -25.33
C GLY D 10 -45.63 -3.12 -24.34
N LEU D 11 -46.73 -3.65 -24.86
CA LEU D 11 -47.78 -4.23 -24.04
C LEU D 11 -47.82 -5.74 -24.21
N VAL D 12 -48.21 -6.41 -23.12
CA VAL D 12 -48.23 -7.86 -23.06
C VAL D 12 -49.20 -8.26 -21.96
N GLN D 13 -49.93 -9.35 -22.17
CA GLN D 13 -50.90 -9.82 -21.20
C GLN D 13 -50.22 -10.66 -20.12
N PRO D 14 -50.84 -10.78 -18.95
CA PRO D 14 -50.24 -11.61 -17.88
C PRO D 14 -50.02 -13.04 -18.35
N GLY D 15 -48.81 -13.55 -18.10
CA GLY D 15 -48.39 -14.86 -18.52
C GLY D 15 -47.70 -14.89 -19.87
N ARG D 16 -48.00 -13.93 -20.74
CA ARG D 16 -47.56 -13.96 -22.13
C ARG D 16 -46.06 -13.66 -22.22
N SER D 17 -45.57 -13.49 -23.45
CA SER D 17 -44.15 -13.41 -23.77
C SER D 17 -43.84 -12.10 -24.47
N LEU D 18 -42.56 -11.72 -24.42
CA LEU D 18 -42.06 -10.51 -25.07
C LEU D 18 -40.54 -10.62 -25.12
N ARG D 19 -39.93 -10.06 -26.16
CA ARG D 19 -38.49 -10.08 -26.31
C ARG D 19 -37.95 -8.67 -26.45
N LEU D 20 -36.91 -8.37 -25.68
CA LEU D 20 -36.20 -7.11 -25.77
C LEU D 20 -34.85 -7.33 -26.46
N SER D 21 -34.30 -6.25 -26.99
CA SER D 21 -33.00 -6.29 -27.66
C SER D 21 -32.22 -5.03 -27.32
N CYS D 22 -30.90 -5.18 -27.23
CA CYS D 22 -30.00 -4.07 -26.91
C CYS D 22 -28.91 -3.99 -27.97
N ALA D 23 -28.84 -2.86 -28.67
CA ALA D 23 -27.85 -2.63 -29.70
C ALA D 23 -26.67 -1.86 -29.14
N ALA D 24 -25.46 -2.28 -29.49
CA ALA D 24 -24.24 -1.68 -28.98
C ALA D 24 -23.42 -1.13 -30.13
N SER D 25 -22.73 -0.02 -29.86
CA SER D 25 -21.89 0.61 -30.87
C SER D 25 -20.84 1.46 -30.15
N GLY D 26 -19.73 1.67 -30.84
CA GLY D 26 -18.66 2.48 -30.30
C GLY D 26 -17.78 1.81 -29.30
N PHE D 27 -17.83 0.49 -29.20
CA PHE D 27 -16.91 -0.25 -28.34
C PHE D 27 -16.89 -1.71 -28.79
N THR D 28 -15.81 -2.40 -28.47
CA THR D 28 -15.70 -3.80 -28.83
C THR D 28 -16.67 -4.64 -28.03
N PHE D 29 -17.85 -4.90 -28.58
CA PHE D 29 -18.86 -5.70 -27.89
C PHE D 29 -18.40 -7.14 -27.68
N ASP D 30 -17.38 -7.58 -28.42
CA ASP D 30 -16.98 -8.98 -28.40
C ASP D 30 -16.28 -9.39 -27.11
N ASP D 31 -15.84 -8.43 -26.30
CA ASP D 31 -15.09 -8.76 -25.10
C ASP D 31 -15.58 -7.98 -23.88
N TYR D 32 -16.83 -7.55 -23.89
CA TYR D 32 -17.45 -6.87 -22.77
C TYR D 32 -18.58 -7.70 -22.19
N ALA D 33 -18.97 -7.37 -20.96
CA ALA D 33 -20.10 -7.99 -20.30
C ALA D 33 -21.21 -6.95 -20.14
N ILE D 34 -22.43 -7.34 -20.48
CA ILE D 34 -23.57 -6.44 -20.46
C ILE D 34 -24.59 -6.95 -19.45
N HIS D 35 -25.39 -6.02 -18.92
CA HIS D 35 -26.37 -6.33 -17.88
C HIS D 35 -27.70 -5.69 -18.22
N TRP D 36 -28.76 -6.18 -17.59
CA TRP D 36 -30.10 -5.60 -17.67
C TRP D 36 -30.52 -5.16 -16.28
N VAL D 37 -31.04 -3.93 -16.19
CA VAL D 37 -31.56 -3.36 -14.95
C VAL D 37 -32.90 -2.72 -15.25
N ARG D 38 -33.87 -2.91 -14.36
CA ARG D 38 -35.20 -2.37 -14.54
C ARG D 38 -35.54 -1.41 -13.42
N GLN D 39 -36.58 -0.62 -13.66
CA GLN D 39 -36.93 0.51 -12.80
C GLN D 39 -38.45 0.64 -12.77
N VAL D 40 -39.04 0.43 -11.60
CA VAL D 40 -40.45 0.76 -11.43
C VAL D 40 -40.59 2.26 -11.59
N PRO D 41 -41.42 2.73 -12.52
CA PRO D 41 -41.60 4.18 -12.67
C PRO D 41 -42.04 4.81 -11.36
N GLY D 42 -41.37 5.90 -10.98
CA GLY D 42 -41.66 6.57 -9.73
C GLY D 42 -41.05 5.94 -8.50
N LYS D 43 -40.19 4.93 -8.64
CA LYS D 43 -39.59 4.28 -7.48
C LYS D 43 -38.12 3.92 -7.74
N GLY D 44 -37.63 2.81 -7.15
CA GLY D 44 -36.21 2.45 -7.16
C GLY D 44 -35.72 1.26 -7.98
N LEU D 45 -34.41 1.26 -8.26
CA LEU D 45 -33.81 0.38 -9.26
C LEU D 45 -33.73 -1.06 -8.75
N GLU D 46 -33.56 -1.98 -9.70
CA GLU D 46 -33.35 -3.39 -9.40
C GLU D 46 -32.60 -4.08 -10.54
N TRP D 47 -31.60 -4.89 -10.20
CA TRP D 47 -30.83 -5.65 -11.18
C TRP D 47 -31.63 -6.85 -11.68
N VAL D 48 -31.36 -7.24 -12.94
CA VAL D 48 -32.13 -8.32 -13.58
C VAL D 48 -31.22 -9.49 -13.95
N SER D 49 -30.30 -9.27 -14.90
CA SER D 49 -29.50 -10.36 -15.44
C SER D 49 -28.17 -9.82 -15.95
N GLY D 50 -27.25 -10.76 -16.21
CA GLY D 50 -25.95 -10.41 -16.76
C GLY D 50 -25.38 -11.58 -17.53
N ILE D 51 -24.53 -11.27 -18.49
CA ILE D 51 -23.93 -12.30 -19.35
C ILE D 51 -22.52 -11.86 -19.71
N SER D 52 -21.60 -12.81 -19.69
CA SER D 52 -20.21 -12.51 -20.00
C SER D 52 -20.04 -12.29 -21.50
N TRP D 53 -18.79 -12.08 -21.92
CA TRP D 53 -18.52 -11.84 -23.33
C TRP D 53 -18.73 -13.09 -24.18
N ASN D 54 -18.55 -14.27 -23.60
CA ASN D 54 -18.71 -15.53 -24.32
C ASN D 54 -19.92 -16.32 -23.85
N SER D 55 -20.81 -15.69 -23.07
CA SER D 55 -22.01 -16.33 -22.55
C SER D 55 -21.71 -17.49 -21.61
N ASP D 56 -20.44 -17.67 -21.24
CA ASP D 56 -20.08 -18.80 -20.39
C ASP D 56 -20.62 -18.64 -18.97
N THR D 57 -20.81 -17.40 -18.53
CA THR D 57 -21.32 -17.12 -17.20
C THR D 57 -22.57 -16.27 -17.32
N ILE D 58 -23.64 -16.69 -16.65
CA ILE D 58 -24.94 -16.03 -16.72
C ILE D 58 -25.58 -16.07 -15.34
N ASP D 59 -26.06 -14.92 -14.87
CA ASP D 59 -26.72 -14.82 -13.58
C ASP D 59 -28.05 -14.08 -13.71
N TYR D 60 -28.98 -14.41 -12.82
CA TYR D 60 -30.31 -13.80 -12.83
C TYR D 60 -30.70 -13.42 -11.40
N ALA D 61 -31.56 -12.41 -11.30
CA ALA D 61 -32.17 -12.10 -10.01
C ALA D 61 -33.17 -13.18 -9.65
N ASP D 62 -33.36 -13.39 -8.34
CA ASP D 62 -34.25 -14.45 -7.88
C ASP D 62 -35.72 -14.17 -8.23
N SER D 63 -36.09 -12.91 -8.42
CA SER D 63 -37.47 -12.59 -8.79
C SER D 63 -37.79 -12.99 -10.22
N VAL D 64 -36.78 -13.27 -11.05
CA VAL D 64 -36.97 -13.57 -12.46
C VAL D 64 -36.37 -14.91 -12.85
N LYS D 65 -35.70 -15.60 -11.94
CA LYS D 65 -35.03 -16.85 -12.27
C LYS D 65 -36.04 -17.92 -12.69
N GLY D 66 -35.65 -18.74 -13.65
CA GLY D 66 -36.55 -19.75 -14.17
C GLY D 66 -37.50 -19.22 -15.22
N ARG D 67 -37.81 -17.94 -15.12
CA ARG D 67 -38.71 -17.28 -16.07
C ARG D 67 -37.95 -16.54 -17.15
N PHE D 68 -36.80 -15.97 -16.81
CA PHE D 68 -36.07 -15.10 -17.71
C PHE D 68 -34.87 -15.83 -18.29
N THR D 69 -34.45 -15.40 -19.48
CA THR D 69 -33.24 -15.94 -20.10
C THR D 69 -32.58 -14.86 -20.95
N ILE D 70 -31.27 -14.73 -20.79
CA ILE D 70 -30.46 -13.76 -21.51
C ILE D 70 -29.66 -14.49 -22.57
N SER D 71 -29.28 -13.77 -23.63
CA SER D 71 -28.47 -14.36 -24.70
C SER D 71 -27.88 -13.22 -25.52
N ARG D 72 -26.82 -13.54 -26.26
CA ARG D 72 -26.11 -12.54 -27.04
C ARG D 72 -25.60 -13.12 -28.34
N ASP D 73 -25.41 -12.25 -29.32
CA ASP D 73 -24.86 -12.59 -30.63
C ASP D 73 -23.78 -11.55 -30.92
N ASN D 74 -22.52 -11.92 -30.68
CA ASN D 74 -21.43 -10.97 -30.84
C ASN D 74 -21.24 -10.54 -32.29
N ALA D 75 -21.69 -11.35 -33.24
CA ALA D 75 -21.56 -10.97 -34.65
C ALA D 75 -22.44 -9.78 -34.99
N GLU D 76 -23.55 -9.60 -34.28
CA GLU D 76 -24.47 -8.50 -34.53
C GLU D 76 -24.37 -7.41 -33.47
N ASN D 77 -23.44 -7.53 -32.52
CA ASN D 77 -23.29 -6.57 -31.42
C ASN D 77 -24.63 -6.33 -30.73
N SER D 78 -25.29 -7.44 -30.38
CA SER D 78 -26.66 -7.38 -29.87
C SER D 78 -26.81 -8.25 -28.63
N LEU D 79 -27.60 -7.77 -27.68
CA LEU D 79 -27.92 -8.48 -26.45
C LEU D 79 -29.44 -8.62 -26.34
N TYR D 80 -29.89 -9.80 -25.89
CA TYR D 80 -31.31 -10.12 -25.88
C TYR D 80 -31.75 -10.50 -24.48
N LEU D 81 -32.88 -9.95 -24.03
CA LEU D 81 -33.53 -10.36 -22.79
C LEU D 81 -34.96 -10.83 -23.12
N GLN D 82 -35.03 -11.97 -23.80
CA GLN D 82 -36.18 -12.87 -23.87
C GLN D 82 -36.97 -12.83 -22.56
N MET D 83 -38.29 -12.58 -22.64
CA MET D 83 -39.11 -12.43 -21.43
C MET D 83 -40.45 -13.13 -21.57
N ASN D 84 -40.84 -13.89 -20.54
CA ASN D 84 -42.25 -14.31 -20.40
C ASN D 84 -42.61 -14.80 -19.00
N SER D 85 -43.73 -15.52 -18.92
CA SER D 85 -44.46 -15.72 -17.68
C SER D 85 -44.63 -14.38 -16.99
N LEU D 86 -44.92 -13.34 -17.77
CA LEU D 86 -44.87 -11.98 -17.25
C LEU D 86 -46.00 -11.73 -16.28
N ARG D 87 -45.65 -11.15 -15.13
CA ARG D 87 -46.60 -10.78 -14.09
C ARG D 87 -46.79 -9.26 -14.08
N GLY D 88 -47.76 -8.81 -13.31
CA GLY D 88 -47.94 -7.37 -13.14
C GLY D 88 -46.72 -6.70 -12.54
N GLU D 89 -45.97 -7.42 -11.70
CA GLU D 89 -44.78 -6.85 -11.09
C GLU D 89 -43.65 -6.65 -12.09
N ASP D 90 -43.74 -7.28 -13.26
CA ASP D 90 -42.71 -7.17 -14.28
C ASP D 90 -42.87 -5.93 -15.14
N THR D 91 -43.89 -5.11 -14.91
CA THR D 91 -44.06 -3.86 -15.63
C THR D 91 -43.04 -2.84 -15.15
N ALA D 92 -42.11 -2.44 -16.02
CA ALA D 92 -41.07 -1.49 -15.64
C ALA D 92 -40.40 -0.95 -16.89
N LEU D 93 -39.44 -0.05 -16.67
CA LEU D 93 -38.56 0.44 -17.73
C LEU D 93 -37.25 -0.33 -17.64
N TYR D 94 -36.88 -0.99 -18.74
CA TYR D 94 -35.76 -1.94 -18.75
C TYR D 94 -34.53 -1.31 -19.40
N TYR D 95 -33.44 -1.22 -18.64
CA TYR D 95 -32.21 -0.59 -19.07
C TYR D 95 -31.20 -1.64 -19.55
N CYS D 96 -30.28 -1.19 -20.40
CA CYS D 96 -29.15 -1.99 -20.87
C CYS D 96 -27.89 -1.24 -20.52
N ALA D 97 -27.05 -1.81 -19.65
CA ALA D 97 -25.88 -1.11 -19.14
C ALA D 97 -24.66 -2.02 -19.17
N LYS D 98 -23.49 -1.38 -19.11
CA LYS D 98 -22.21 -2.06 -19.04
C LYS D 98 -21.26 -1.19 -18.21
N SER D 99 -20.07 -1.73 -17.95
CA SER D 99 -19.01 -0.98 -17.30
C SER D 99 -18.02 -0.46 -18.34
N SER D 100 -17.10 0.37 -17.86
CA SER D 100 -16.07 0.91 -18.74
C SER D 100 -15.07 -0.17 -19.15
N PHE D 101 -14.89 -1.19 -18.30
CA PHE D 101 -13.85 -2.19 -18.44
C PHE D 101 -14.43 -3.56 -18.80
N PRO D 102 -13.73 -4.36 -19.58
CA PRO D 102 -14.11 -5.76 -19.75
C PRO D 102 -14.02 -6.50 -18.43
N GLY D 103 -14.75 -7.61 -18.34
CA GLY D 103 -14.76 -8.34 -17.08
C GLY D 103 -16.20 -8.52 -16.65
N TYR D 104 -16.54 -9.78 -16.30
CA TYR D 104 -17.92 -10.11 -15.97
C TYR D 104 -18.42 -9.26 -14.81
N SER D 105 -17.73 -9.32 -13.68
CA SER D 105 -18.12 -8.56 -12.50
C SER D 105 -17.50 -7.18 -12.45
N SER D 106 -16.74 -6.79 -13.48
CA SER D 106 -16.12 -5.47 -13.48
C SER D 106 -17.16 -4.37 -13.42
N GLY D 107 -18.39 -4.67 -13.85
CA GLY D 107 -19.47 -3.70 -13.73
C GLY D 107 -19.78 -3.34 -12.30
N TRP D 108 -19.63 -4.31 -11.39
CA TRP D 108 -19.90 -4.06 -9.98
C TRP D 108 -18.70 -3.46 -9.28
N TYR D 109 -17.49 -3.76 -9.75
CA TYR D 109 -16.29 -3.28 -9.07
C TYR D 109 -16.10 -1.78 -9.27
N TYR D 110 -16.25 -1.31 -10.51
CA TYR D 110 -15.98 0.09 -10.85
C TYR D 110 -17.23 0.84 -11.34
N GLY D 111 -18.39 0.20 -11.34
CA GLY D 111 -19.60 0.93 -11.66
C GLY D 111 -20.01 0.78 -13.12
N LEU D 112 -21.31 0.92 -13.37
CA LEU D 112 -21.89 0.80 -14.70
C LEU D 112 -21.96 2.19 -15.33
N ASP D 113 -20.94 2.55 -16.12
CA ASP D 113 -20.78 3.91 -16.58
C ASP D 113 -21.60 4.27 -17.81
N VAL D 114 -22.03 3.29 -18.60
CA VAL D 114 -22.78 3.55 -19.82
C VAL D 114 -24.11 2.81 -19.75
N TRP D 115 -25.20 3.56 -19.77
CA TRP D 115 -26.54 3.02 -19.80
C TRP D 115 -27.21 3.34 -21.14
N GLY D 116 -28.28 2.61 -21.43
CA GLY D 116 -29.15 2.95 -22.53
C GLY D 116 -30.35 3.74 -22.05
N GLN D 117 -31.16 4.21 -23.00
CA GLN D 117 -32.30 5.03 -22.65
C GLN D 117 -33.44 4.21 -22.05
N GLY D 118 -33.44 2.91 -22.26
CA GLY D 118 -34.45 2.03 -21.69
C GLY D 118 -35.59 1.77 -22.64
N THR D 119 -36.42 0.80 -22.26
CA THR D 119 -37.60 0.45 -23.05
C THR D 119 -38.71 -0.01 -22.11
N THR D 120 -39.89 0.57 -22.30
CA THR D 120 -41.01 0.33 -21.38
C THR D 120 -41.72 -0.96 -21.72
N VAL D 121 -41.95 -1.79 -20.71
CA VAL D 121 -42.71 -3.03 -20.83
C VAL D 121 -43.89 -2.95 -19.88
N THR D 122 -45.11 -3.03 -20.43
CA THR D 122 -46.33 -2.88 -19.67
C THR D 122 -47.09 -4.19 -19.67
N VAL D 123 -47.38 -4.73 -18.49
CA VAL D 123 -48.08 -5.99 -18.34
C VAL D 123 -49.49 -5.68 -17.86
N SER D 124 -50.44 -5.73 -18.79
CA SER D 124 -51.85 -5.56 -18.50
C SER D 124 -52.65 -6.45 -19.43
N SER D 125 -53.86 -6.83 -18.98
CA SER D 125 -54.72 -7.77 -19.70
C SER D 125 -55.38 -7.14 -20.91
N ALA D 126 -54.63 -6.33 -21.63
CA ALA D 126 -55.14 -5.11 -22.20
C ALA D 126 -55.27 -5.16 -23.71
N SER D 127 -56.49 -5.05 -24.19
CA SER D 127 -56.80 -4.65 -25.55
C SER D 127 -56.96 -3.14 -25.57
N THR D 128 -56.95 -2.57 -26.78
CA THR D 128 -57.13 -1.14 -26.93
C THR D 128 -58.55 -0.74 -26.52
N LYS D 129 -58.68 0.51 -26.07
CA LYS D 129 -59.98 1.04 -25.67
C LYS D 129 -59.97 2.55 -25.88
N GLY D 130 -60.93 3.04 -26.67
CA GLY D 130 -61.02 4.45 -27.00
C GLY D 130 -61.74 5.24 -25.93
N PRO D 131 -61.45 6.55 -25.88
CA PRO D 131 -62.01 7.39 -24.82
C PRO D 131 -63.30 8.09 -25.21
N SER D 132 -64.01 8.54 -24.17
CA SER D 132 -65.18 9.40 -24.32
C SER D 132 -64.80 10.83 -23.94
N VAL D 133 -65.27 11.79 -24.74
CA VAL D 133 -64.92 13.18 -24.58
C VAL D 133 -66.18 13.94 -24.19
N PHE D 134 -66.20 14.49 -22.96
CA PHE D 134 -67.29 15.30 -22.44
C PHE D 134 -66.83 16.73 -22.24
N PRO D 135 -67.69 17.72 -22.49
CA PRO D 135 -67.31 19.11 -22.29
C PRO D 135 -67.48 19.53 -20.84
N LEU D 136 -66.56 20.40 -20.41
CA LEU D 136 -66.57 20.99 -19.07
C LEU D 136 -66.90 22.47 -19.22
N ALA D 137 -68.20 22.80 -19.08
CA ALA D 137 -68.72 24.14 -19.35
C ALA D 137 -68.29 25.13 -18.26
N PRO D 138 -68.06 26.38 -18.65
CA PRO D 138 -67.64 27.39 -17.66
C PRO D 138 -68.83 27.97 -16.91
N SER D 139 -68.67 28.09 -15.60
CA SER D 139 -69.73 28.61 -14.75
C SER D 139 -69.27 29.87 -14.02
N GLY D 146 -62.26 38.44 -13.88
CA GLY D 146 -62.74 38.68 -15.23
C GLY D 146 -62.33 37.58 -16.21
N THR D 147 -61.98 36.42 -15.68
CA THR D 147 -61.62 35.26 -16.48
C THR D 147 -62.53 34.10 -16.15
N ALA D 148 -62.47 33.07 -16.99
CA ALA D 148 -63.28 31.87 -16.79
C ALA D 148 -62.48 30.66 -17.28
N ALA D 149 -62.74 29.52 -16.67
CA ALA D 149 -62.04 28.27 -16.98
C ALA D 149 -63.01 27.29 -17.61
N LEU D 150 -62.64 26.76 -18.78
CA LEU D 150 -63.39 25.70 -19.43
C LEU D 150 -62.42 24.61 -19.87
N GLY D 151 -62.97 23.43 -20.17
CA GLY D 151 -62.14 22.33 -20.60
C GLY D 151 -62.98 21.21 -21.15
N CYS D 152 -62.35 20.04 -21.30
CA CYS D 152 -63.07 18.85 -21.75
C CYS D 152 -62.39 17.62 -21.17
N LEU D 153 -63.20 16.60 -20.89
CA LEU D 153 -62.78 15.42 -20.14
C LEU D 153 -62.60 14.24 -21.09
N VAL D 154 -61.45 13.58 -20.99
CA VAL D 154 -61.13 12.42 -21.81
C VAL D 154 -61.11 11.22 -20.87
N LYS D 155 -62.22 10.48 -20.83
CA LYS D 155 -62.49 9.49 -19.79
C LYS D 155 -62.35 8.07 -20.33
N ASP D 156 -61.71 7.22 -19.55
CA ASP D 156 -61.63 5.78 -19.80
C ASP D 156 -61.01 5.44 -21.16
N TYR D 157 -59.69 5.27 -21.21
CA TYR D 157 -59.02 4.85 -22.43
C TYR D 157 -57.80 4.02 -22.07
N PHE D 158 -57.29 3.30 -23.08
CA PHE D 158 -56.07 2.51 -22.92
C PHE D 158 -55.52 2.19 -24.30
N PRO D 159 -54.19 2.19 -24.50
CA PRO D 159 -53.15 2.58 -23.54
C PRO D 159 -52.75 4.04 -23.70
N GLU D 160 -51.71 4.46 -23.00
CA GLU D 160 -51.17 5.78 -23.21
C GLU D 160 -50.55 5.87 -24.60
N PRO D 161 -50.57 7.06 -25.21
CA PRO D 161 -51.13 8.31 -24.72
C PRO D 161 -52.26 8.90 -25.58
N VAL D 162 -52.87 9.97 -25.08
CA VAL D 162 -53.77 10.80 -25.86
C VAL D 162 -53.13 12.16 -26.03
N THR D 163 -53.57 12.89 -27.07
CA THR D 163 -53.07 14.22 -27.36
C THR D 163 -54.25 15.16 -27.54
N VAL D 164 -54.23 16.28 -26.83
CA VAL D 164 -55.33 17.23 -26.81
C VAL D 164 -54.80 18.60 -27.23
N SER D 165 -55.50 19.23 -28.17
CA SER D 165 -55.23 20.59 -28.60
C SER D 165 -56.55 21.34 -28.66
N TRP D 166 -56.47 22.67 -28.78
CA TRP D 166 -57.66 23.52 -28.76
C TRP D 166 -57.69 24.41 -29.99
N ASN D 167 -58.87 24.48 -30.64
CA ASN D 167 -59.06 25.26 -31.87
C ASN D 167 -58.05 24.86 -32.95
N SER D 168 -57.80 23.56 -33.06
CA SER D 168 -56.84 23.00 -34.01
C SER D 168 -55.42 23.53 -33.80
N GLY D 169 -55.03 23.77 -32.54
CA GLY D 169 -53.72 24.27 -32.23
C GLY D 169 -53.56 25.77 -32.24
N ALA D 170 -54.58 26.52 -32.67
CA ALA D 170 -54.49 27.97 -32.68
C ALA D 170 -54.56 28.57 -31.29
N LEU D 171 -55.24 27.90 -30.36
CA LEU D 171 -55.34 28.35 -28.96
C LEU D 171 -54.31 27.59 -28.13
N THR D 172 -53.17 28.22 -27.89
CA THR D 172 -52.14 27.66 -27.03
C THR D 172 -51.93 28.46 -25.74
N SER D 173 -52.35 29.72 -25.71
CA SER D 173 -52.22 30.53 -24.51
C SER D 173 -53.32 30.15 -23.51
N GLY D 174 -52.91 29.87 -22.29
CA GLY D 174 -53.82 29.50 -21.22
C GLY D 174 -54.25 28.04 -21.20
N VAL D 175 -53.64 27.19 -22.02
CA VAL D 175 -54.03 25.80 -22.12
C VAL D 175 -53.18 24.95 -21.18
N HIS D 176 -53.83 24.09 -20.39
CA HIS D 176 -53.15 23.15 -19.51
C HIS D 176 -53.84 21.81 -19.65
N THR D 177 -53.15 20.84 -20.25
CA THR D 177 -53.62 19.47 -20.34
C THR D 177 -52.88 18.64 -19.29
N PHE D 178 -53.66 18.01 -18.36
CA PHE D 178 -53.20 17.38 -17.13
C PHE D 178 -52.78 15.93 -17.36
N PRO D 179 -51.84 15.43 -16.55
CA PRO D 179 -51.51 14.00 -16.59
C PRO D 179 -52.71 13.14 -16.23
N ALA D 180 -52.73 11.93 -16.77
CA ALA D 180 -53.88 11.05 -16.65
C ALA D 180 -53.80 10.18 -15.40
N VAL D 181 -54.96 9.68 -14.98
CA VAL D 181 -55.07 8.73 -13.88
C VAL D 181 -55.03 7.32 -14.43
N LEU D 182 -54.39 6.41 -13.70
CA LEU D 182 -54.49 4.98 -13.97
C LEU D 182 -55.52 4.42 -13.00
N GLN D 183 -56.76 4.29 -13.46
CA GLN D 183 -57.84 3.89 -12.58
C GLN D 183 -57.73 2.42 -12.22
N SER D 184 -58.37 2.06 -11.11
CA SER D 184 -58.37 0.67 -10.65
C SER D 184 -58.90 -0.28 -11.71
N SER D 185 -59.78 0.21 -12.60
CA SER D 185 -60.27 -0.57 -13.72
C SER D 185 -59.19 -0.84 -14.77
N GLY D 186 -58.01 -0.25 -14.63
CA GLY D 186 -56.94 -0.39 -15.60
C GLY D 186 -56.98 0.60 -16.73
N LEU D 187 -58.01 1.45 -16.80
CA LEU D 187 -58.17 2.44 -17.85
C LEU D 187 -57.62 3.78 -17.41
N TYR D 188 -57.23 4.60 -18.38
CA TYR D 188 -56.72 5.94 -18.14
C TYR D 188 -57.81 6.98 -18.38
N SER D 189 -57.73 8.07 -17.64
CA SER D 189 -58.64 9.21 -17.79
C SER D 189 -57.86 10.51 -17.60
N LEU D 190 -58.20 11.51 -18.41
CA LEU D 190 -57.43 12.75 -18.47
C LEU D 190 -58.35 13.91 -18.80
N SER D 191 -57.96 15.11 -18.36
CA SER D 191 -58.74 16.31 -18.60
CA SER D 191 -58.74 16.31 -18.62
C SER D 191 -57.82 17.45 -19.00
N SER D 192 -58.23 18.22 -20.00
CA SER D 192 -57.50 19.38 -20.47
C SER D 192 -58.36 20.62 -20.27
N VAL D 193 -57.75 21.72 -19.85
CA VAL D 193 -58.48 22.92 -19.45
C VAL D 193 -57.77 24.15 -19.99
N VAL D 194 -58.56 25.14 -20.42
CA VAL D 194 -58.06 26.42 -20.91
C VAL D 194 -58.74 27.55 -20.15
N THR D 195 -58.01 28.62 -19.89
CA THR D 195 -58.53 29.81 -19.20
C THR D 195 -58.62 30.96 -20.19
N VAL D 196 -59.81 31.55 -20.29
CA VAL D 196 -60.07 32.59 -21.30
C VAL D 196 -60.78 33.75 -20.62
N PRO D 197 -60.70 34.96 -21.19
CA PRO D 197 -61.41 36.10 -20.60
C PRO D 197 -62.91 35.90 -20.61
N SER D 198 -63.59 36.50 -19.62
CA SER D 198 -65.01 36.28 -19.44
C SER D 198 -65.84 36.92 -20.55
N SER D 199 -65.40 38.07 -21.08
CA SER D 199 -66.20 38.81 -22.05
C SER D 199 -66.25 38.14 -23.42
N SER D 200 -65.41 37.13 -23.67
CA SER D 200 -65.35 36.49 -24.98
C SER D 200 -66.07 35.13 -25.01
N LEU D 201 -66.96 34.88 -24.03
CA LEU D 201 -67.66 33.59 -24.00
C LEU D 201 -68.73 33.52 -25.07
N GLY D 202 -69.50 34.59 -25.26
CA GLY D 202 -70.47 34.69 -26.33
C GLY D 202 -69.91 35.11 -27.68
N THR D 203 -68.59 35.29 -27.77
CA THR D 203 -67.95 35.74 -29.00
C THR D 203 -67.09 34.65 -29.62
N GLN D 204 -66.12 34.12 -28.88
CA GLN D 204 -65.19 33.13 -29.40
C GLN D 204 -65.73 31.71 -29.24
N THR D 205 -65.35 30.85 -30.18
CA THR D 205 -65.73 29.44 -30.18
C THR D 205 -64.55 28.60 -29.69
N TYR D 206 -64.82 27.68 -28.77
CA TYR D 206 -63.78 26.87 -28.13
C TYR D 206 -64.03 25.40 -28.40
N ILE D 207 -63.06 24.73 -29.03
CA ILE D 207 -63.19 23.33 -29.44
C ILE D 207 -61.92 22.59 -29.07
N CYS D 208 -62.05 21.49 -28.34
CA CYS D 208 -60.91 20.67 -27.97
C CYS D 208 -60.77 19.48 -28.91
N ASN D 209 -59.53 19.18 -29.30
CA ASN D 209 -59.23 18.18 -30.32
C ASN D 209 -58.47 17.02 -29.66
N VAL D 210 -59.18 15.93 -29.39
CA VAL D 210 -58.61 14.76 -28.74
C VAL D 210 -58.13 13.79 -29.81
N ASN D 211 -57.02 13.12 -29.54
CA ASN D 211 -56.46 12.16 -30.50
C ASN D 211 -55.83 11.02 -29.71
N HIS D 212 -56.39 9.82 -29.83
CA HIS D 212 -55.87 8.60 -29.23
C HIS D 212 -55.53 7.65 -30.38
N LYS D 213 -54.24 7.62 -30.76
CA LYS D 213 -53.79 6.88 -31.93
C LYS D 213 -53.95 5.36 -31.78
N PRO D 214 -53.70 4.76 -30.61
CA PRO D 214 -53.96 3.32 -30.47
C PRO D 214 -55.35 2.87 -30.92
N SER D 215 -56.38 3.66 -30.64
CA SER D 215 -57.75 3.31 -31.00
C SER D 215 -58.26 4.08 -32.21
N ASN D 216 -57.40 4.87 -32.86
CA ASN D 216 -57.77 5.65 -34.04
C ASN D 216 -58.90 6.63 -33.73
N THR D 217 -58.94 7.13 -32.50
CA THR D 217 -59.99 8.04 -32.07
C THR D 217 -59.58 9.49 -32.34
N LYS D 218 -60.45 10.24 -33.01
CA LYS D 218 -60.25 11.67 -33.23
C LYS D 218 -61.59 12.35 -33.00
N VAL D 219 -61.67 13.16 -31.95
CA VAL D 219 -62.92 13.78 -31.51
C VAL D 219 -62.72 15.28 -31.41
N ASP D 220 -63.68 16.04 -31.96
CA ASP D 220 -63.71 17.50 -31.84
C ASP D 220 -65.00 17.86 -31.11
N LYS D 221 -64.87 18.24 -29.85
CA LYS D 221 -65.99 18.59 -28.99
C LYS D 221 -65.92 20.07 -28.67
N ARG D 222 -67.03 20.79 -28.88
CA ARG D 222 -67.07 22.21 -28.59
C ARG D 222 -67.56 22.46 -27.17
N VAL D 223 -66.96 23.46 -26.53
CA VAL D 223 -67.25 23.82 -25.14
C VAL D 223 -67.78 25.24 -25.11
N GLU D 224 -68.80 25.47 -24.29
CA GLU D 224 -69.60 26.69 -24.33
C GLU D 224 -70.41 26.79 -23.04
N PRO D 225 -70.86 27.99 -22.68
CA PRO D 225 -71.53 28.17 -21.38
C PRO D 225 -72.87 27.45 -21.30
N LYS D 226 -73.27 27.17 -20.07
CA LYS D 226 -74.51 26.46 -19.77
C LYS D 226 -75.73 27.37 -19.92
N VAL E 3 -31.70 -7.28 0.25
CA VAL E 3 -32.31 -6.03 0.70
C VAL E 3 -31.25 -5.00 1.09
N VAL E 4 -31.14 -3.92 0.32
CA VAL E 4 -30.22 -2.83 0.59
C VAL E 4 -31.06 -1.58 0.82
N THR E 5 -31.13 -1.13 2.07
CA THR E 5 -32.06 -0.09 2.46
C THR E 5 -31.40 1.28 2.46
N GLN E 6 -32.11 2.25 1.89
CA GLN E 6 -31.75 3.66 1.88
C GLN E 6 -32.88 4.47 2.50
N PRO E 7 -32.59 5.66 3.02
CA PRO E 7 -33.67 6.56 3.44
C PRO E 7 -34.51 6.97 2.25
N ALA E 8 -35.83 6.97 2.45
CA ALA E 8 -36.74 7.26 1.34
C ALA E 8 -36.53 8.66 0.80
N SER E 9 -36.28 9.63 1.67
CA SER E 9 -36.08 11.00 1.24
C SER E 9 -35.08 11.69 2.16
N VAL E 10 -34.26 12.55 1.57
CA VAL E 10 -33.30 13.37 2.31
C VAL E 10 -33.36 14.77 1.73
N SER E 11 -33.56 15.77 2.59
CA SER E 11 -33.68 17.16 2.18
C SER E 11 -32.61 18.01 2.84
N GLY E 12 -32.38 19.17 2.23
CA GLY E 12 -31.41 20.12 2.75
C GLY E 12 -31.39 21.41 1.95
N SER E 13 -30.97 22.50 2.57
CA SER E 13 -30.96 23.82 1.95
C SER E 13 -29.68 24.01 1.15
N PRO E 14 -29.63 25.00 0.26
CA PRO E 14 -28.42 25.22 -0.54
C PRO E 14 -27.22 25.61 0.34
N GLY E 15 -26.05 25.10 -0.05
CA GLY E 15 -24.82 25.26 0.72
C GLY E 15 -24.63 24.22 1.83
N GLN E 16 -25.72 23.68 2.35
CA GLN E 16 -25.66 22.67 3.39
C GLN E 16 -25.08 21.36 2.83
N SER E 17 -24.72 20.47 3.74
CA SER E 17 -24.18 19.15 3.39
C SER E 17 -25.09 18.07 3.96
N ILE E 18 -25.41 17.08 3.13
CA ILE E 18 -26.29 15.98 3.51
C ILE E 18 -25.57 14.66 3.24
N THR E 19 -26.01 13.62 3.94
CA THR E 19 -25.44 12.28 3.81
C THR E 19 -26.56 11.26 3.64
N ILE E 20 -26.47 10.46 2.58
CA ILE E 20 -27.40 9.37 2.33
C ILE E 20 -26.76 8.08 2.84
N SER E 21 -27.51 7.30 3.62
CA SER E 21 -27.01 6.03 4.11
C SER E 21 -27.43 4.89 3.19
N CYS E 22 -26.77 3.75 3.37
CA CYS E 22 -27.01 2.58 2.52
C CYS E 22 -26.55 1.36 3.31
N THR E 23 -27.48 0.74 4.03
CA THR E 23 -27.18 -0.38 4.92
C THR E 23 -27.48 -1.70 4.23
N GLY E 24 -26.53 -2.63 4.30
CA GLY E 24 -26.68 -3.95 3.71
C GLY E 24 -26.22 -5.03 4.67
N THR E 25 -25.97 -6.23 4.15
CA THR E 25 -25.59 -7.39 4.94
C THR E 25 -24.07 -7.56 4.92
N SER E 26 -23.58 -8.73 5.32
CA SER E 26 -22.17 -9.08 5.19
C SER E 26 -21.84 -9.67 3.82
N SER E 27 -22.85 -10.11 3.06
CA SER E 27 -22.66 -10.61 1.70
C SER E 27 -22.67 -9.50 0.66
N ASP E 28 -22.86 -8.24 1.06
CA ASP E 28 -22.85 -7.13 0.11
C ASP E 28 -21.95 -5.99 0.58
N VAL E 29 -22.56 -4.89 1.01
CA VAL E 29 -21.87 -3.68 1.43
C VAL E 29 -20.88 -3.97 2.55
N GLY E 30 -21.09 -5.07 3.27
CA GLY E 30 -20.23 -5.41 4.39
C GLY E 30 -19.01 -6.24 4.03
N GLY E 31 -19.09 -7.01 2.95
CA GLY E 31 -18.02 -7.92 2.60
C GLY E 31 -17.07 -7.42 1.53
N TYR E 32 -17.58 -6.57 0.64
CA TYR E 32 -16.81 -6.11 -0.52
C TYR E 32 -16.82 -4.58 -0.58
N ASN E 33 -15.64 -4.01 -0.86
CA ASN E 33 -15.51 -2.57 -1.09
C ASN E 33 -15.95 -2.17 -2.49
N TYR E 34 -16.92 -2.88 -3.07
CA TYR E 34 -17.42 -2.56 -4.41
C TYR E 34 -18.79 -1.92 -4.35
N VAL E 35 -18.83 -0.72 -3.76
CA VAL E 35 -20.04 0.05 -3.59
C VAL E 35 -20.00 1.22 -4.55
N SER E 36 -21.13 1.44 -5.23
CA SER E 36 -21.23 2.48 -6.25
C SER E 36 -22.53 3.26 -6.04
N TRP E 37 -22.45 4.58 -6.25
CA TRP E 37 -23.58 5.48 -6.12
C TRP E 37 -23.96 6.06 -7.47
N TYR E 38 -25.26 6.24 -7.67
CA TYR E 38 -25.79 6.75 -8.94
C TYR E 38 -26.73 7.92 -8.70
N GLN E 39 -26.69 8.88 -9.61
CA GLN E 39 -27.51 10.08 -9.56
C GLN E 39 -28.46 10.05 -10.75
N GLN E 40 -29.76 9.99 -10.48
CA GLN E 40 -30.76 9.86 -11.54
C GLN E 40 -31.69 11.08 -11.51
N TYR E 41 -31.57 11.90 -12.54
CA TYR E 41 -32.52 12.97 -12.80
C TYR E 41 -33.79 12.39 -13.42
N PRO E 42 -34.91 13.10 -13.30
CA PRO E 42 -36.17 12.59 -13.88
C PRO E 42 -36.08 12.41 -15.38
N GLY E 43 -36.38 11.19 -15.84
CA GLY E 43 -36.44 10.88 -17.25
C GLY E 43 -35.12 10.62 -17.94
N LYS E 44 -34.06 10.36 -17.18
CA LYS E 44 -32.74 10.12 -17.76
C LYS E 44 -32.10 8.91 -17.11
N ALA E 45 -31.04 8.41 -17.73
CA ALA E 45 -30.37 7.23 -17.24
C ALA E 45 -29.50 7.57 -16.03
N PRO E 46 -29.24 6.60 -15.16
CA PRO E 46 -28.40 6.86 -13.99
C PRO E 46 -26.97 7.21 -14.38
N LYS E 47 -26.36 8.07 -13.57
CA LYS E 47 -25.01 8.56 -13.78
C LYS E 47 -24.12 8.03 -12.66
N VAL E 48 -22.95 7.51 -13.03
CA VAL E 48 -22.00 7.04 -12.03
C VAL E 48 -21.40 8.24 -11.31
N ILE E 49 -21.51 8.24 -9.98
CA ILE E 49 -20.97 9.31 -9.15
C ILE E 49 -19.80 8.82 -8.32
N ILE E 50 -19.86 7.57 -7.87
CA ILE E 50 -18.86 7.02 -6.95
C ILE E 50 -18.69 5.55 -7.27
N PHE E 51 -17.44 5.09 -7.36
CA PHE E 51 -17.12 3.68 -7.46
C PHE E 51 -16.07 3.34 -6.42
N GLU E 52 -16.20 2.16 -5.81
CA GLU E 52 -15.32 1.73 -4.72
C GLU E 52 -15.36 2.72 -3.57
N VAL E 53 -16.58 3.01 -3.10
CA VAL E 53 -16.78 3.81 -1.91
C VAL E 53 -16.41 5.27 -2.12
N GLY E 54 -15.18 5.56 -2.52
CA GLY E 54 -14.72 6.93 -2.47
C GLY E 54 -14.20 7.56 -3.75
N ASN E 55 -13.77 6.75 -4.72
CA ASN E 55 -13.14 7.27 -5.93
C ASN E 55 -14.21 7.76 -6.90
N ARG E 56 -14.03 8.99 -7.40
CA ARG E 56 -15.07 9.55 -8.27
C ARG E 56 -14.63 9.52 -9.73
N PRO E 57 -15.55 9.30 -10.65
CA PRO E 57 -15.22 9.32 -12.08
C PRO E 57 -14.70 10.69 -12.52
N SER E 58 -13.99 10.70 -13.65
CA SER E 58 -13.46 11.94 -14.21
C SER E 58 -14.61 12.83 -14.65
N GLY E 59 -14.64 14.06 -14.12
CA GLY E 59 -15.69 15.02 -14.42
C GLY E 59 -16.75 15.15 -13.35
N VAL E 60 -16.74 14.27 -12.35
CA VAL E 60 -17.68 14.36 -11.23
C VAL E 60 -17.21 15.45 -10.30
N SER E 61 -18.14 16.30 -9.86
CA SER E 61 -17.82 17.32 -8.88
C SER E 61 -17.26 16.67 -7.62
N ASN E 62 -16.15 17.21 -7.12
CA ASN E 62 -15.55 16.70 -5.89
C ASN E 62 -16.41 16.99 -4.66
N ARG E 63 -17.56 17.65 -4.81
CA ARG E 63 -18.52 17.81 -3.72
C ARG E 63 -19.19 16.50 -3.32
N PHE E 64 -18.92 15.41 -4.04
CA PHE E 64 -19.52 14.12 -3.78
C PHE E 64 -18.46 13.22 -3.17
N SER E 65 -18.63 12.91 -1.89
CA SER E 65 -17.71 12.07 -1.13
C SER E 65 -18.43 10.79 -0.73
N GLY E 66 -17.70 9.70 -0.71
CA GLY E 66 -18.27 8.42 -0.33
C GLY E 66 -17.41 7.72 0.69
N SER E 67 -18.09 7.08 1.64
CA SER E 67 -17.42 6.36 2.72
C SER E 67 -18.19 5.08 3.01
N LYS E 68 -17.59 4.23 3.85
CA LYS E 68 -18.23 2.99 4.24
C LYS E 68 -17.75 2.62 5.64
N SER E 69 -18.68 2.14 6.46
CA SER E 69 -18.39 1.71 7.82
C SER E 69 -19.18 0.44 8.11
N GLY E 70 -18.48 -0.67 8.23
CA GLY E 70 -19.12 -1.96 8.47
C GLY E 70 -20.04 -2.38 7.33
N ASN E 71 -21.34 -2.34 7.56
CA ASN E 71 -22.32 -2.77 6.57
C ASN E 71 -23.12 -1.61 6.00
N THR E 72 -22.58 -0.40 6.06
CA THR E 72 -23.35 0.80 5.69
C THR E 72 -22.48 1.74 4.88
N ALA E 73 -22.85 1.97 3.63
CA ALA E 73 -22.21 2.97 2.79
C ALA E 73 -22.86 4.32 2.98
N SER E 74 -22.11 5.38 2.69
CA SER E 74 -22.57 6.75 2.92
C SER E 74 -22.09 7.64 1.78
N LEU E 75 -23.04 8.19 1.02
CA LEU E 75 -22.77 9.22 0.04
C LEU E 75 -22.98 10.59 0.68
N THR E 76 -21.99 11.47 0.57
CA THR E 76 -22.05 12.79 1.17
C THR E 76 -21.97 13.85 0.07
N ILE E 77 -22.98 14.72 0.03
CA ILE E 77 -23.02 15.84 -0.90
C ILE E 77 -22.78 17.10 -0.09
N SER E 78 -21.64 17.73 -0.30
CA SER E 78 -21.34 18.99 0.35
C SER E 78 -21.71 20.14 -0.57
N GLY E 79 -22.10 21.27 0.04
CA GLY E 79 -22.47 22.46 -0.71
C GLY E 79 -23.58 22.19 -1.70
N LEU E 80 -24.71 21.70 -1.22
CA LEU E 80 -25.87 21.36 -2.03
C LEU E 80 -26.19 22.46 -3.03
N GLN E 81 -26.18 22.10 -4.31
CA GLN E 81 -26.62 22.97 -5.37
C GLN E 81 -27.96 22.48 -5.90
N ALA E 82 -28.75 23.41 -6.45
CA ALA E 82 -30.09 23.05 -6.95
C ALA E 82 -30.04 21.90 -7.95
N GLU E 83 -28.96 21.81 -8.72
CA GLU E 83 -28.80 20.75 -9.70
C GLU E 83 -28.54 19.38 -9.08
N ASP E 84 -28.48 19.28 -7.76
CA ASP E 84 -28.30 18.01 -7.08
C ASP E 84 -29.62 17.34 -6.70
N GLU E 85 -30.75 18.03 -6.92
CA GLU E 85 -32.05 17.45 -6.62
C GLU E 85 -32.35 16.34 -7.60
N ALA E 86 -32.18 15.09 -7.16
CA ALA E 86 -32.39 13.92 -8.00
C ALA E 86 -32.63 12.72 -7.09
N ASP E 87 -32.67 11.54 -7.70
CA ASP E 87 -32.72 10.27 -6.97
C ASP E 87 -31.32 9.67 -6.91
N TYR E 88 -30.99 9.08 -5.77
CA TYR E 88 -29.66 8.51 -5.54
C TYR E 88 -29.79 7.05 -5.14
N TYR E 89 -29.03 6.20 -5.83
CA TYR E 89 -29.07 4.76 -5.67
C TYR E 89 -27.67 4.24 -5.36
N CYS E 90 -27.55 3.49 -4.27
CA CYS E 90 -26.32 2.75 -4.02
C CYS E 90 -26.40 1.37 -4.68
N SER E 91 -25.26 0.70 -4.77
CA SER E 91 -25.18 -0.61 -5.40
C SER E 91 -23.93 -1.30 -4.92
N SER E 92 -23.96 -2.63 -4.92
CA SER E 92 -22.86 -3.40 -4.37
C SER E 92 -22.85 -4.79 -4.97
N TYR E 93 -21.65 -5.38 -4.99
CA TYR E 93 -21.41 -6.75 -5.39
C TYR E 93 -21.83 -7.70 -4.27
N THR E 94 -22.28 -8.90 -4.65
CA THR E 94 -22.76 -9.88 -3.69
C THR E 94 -21.92 -11.14 -3.75
N SER E 95 -21.94 -11.89 -2.64
CA SER E 95 -21.25 -13.18 -2.58
C SER E 95 -21.73 -14.14 -3.66
N THR E 96 -22.93 -13.93 -4.19
CA THR E 96 -23.50 -14.73 -5.26
C THR E 96 -22.95 -14.34 -6.64
N SER E 97 -21.94 -13.46 -6.70
CA SER E 97 -21.38 -12.90 -7.92
C SER E 97 -22.38 -12.03 -8.68
N THR E 98 -23.41 -11.53 -8.00
CA THR E 98 -24.40 -10.64 -8.58
C THR E 98 -24.19 -9.23 -8.03
N GLY E 99 -25.03 -8.30 -8.49
CA GLY E 99 -25.08 -6.97 -7.94
C GLY E 99 -26.51 -6.61 -7.59
N VAL E 100 -26.65 -5.77 -6.56
CA VAL E 100 -27.94 -5.41 -6.01
C VAL E 100 -27.99 -3.90 -5.84
N PHE E 101 -29.18 -3.34 -6.03
CA PHE E 101 -29.39 -1.91 -5.94
C PHE E 101 -30.13 -1.55 -4.65
N GLY E 102 -29.92 -0.32 -4.19
CA GLY E 102 -30.63 0.16 -3.04
C GLY E 102 -32.03 0.64 -3.38
N THR E 103 -32.78 0.96 -2.32
CA THR E 103 -34.18 1.37 -2.47
C THR E 103 -34.31 2.73 -3.16
N GLY E 104 -33.27 3.54 -3.18
CA GLY E 104 -33.37 4.88 -3.72
C GLY E 104 -33.58 5.92 -2.63
N THR E 105 -33.17 7.15 -2.93
CA THR E 105 -33.32 8.27 -2.01
C THR E 105 -33.63 9.53 -2.82
N LYS E 106 -34.83 10.07 -2.62
CA LYS E 106 -35.22 11.33 -3.24
C LYS E 106 -34.54 12.47 -2.49
N VAL E 107 -33.48 13.02 -3.09
CA VAL E 107 -32.79 14.17 -2.53
C VAL E 107 -33.45 15.44 -3.06
N THR E 108 -33.95 16.27 -2.15
CA THR E 108 -34.66 17.50 -2.48
C THR E 108 -33.92 18.67 -1.86
N VAL E 109 -33.33 19.52 -2.68
CA VAL E 109 -32.71 20.74 -2.19
C VAL E 109 -33.82 21.76 -1.88
N LEU E 110 -33.86 22.24 -0.63
CA LEU E 110 -34.93 23.13 -0.17
C LEU E 110 -34.97 24.48 -0.88
N GLY E 111 -35.52 25.48 -0.18
CA GLY E 111 -35.41 26.88 -0.55
C GLY E 111 -36.45 27.40 -1.51
N GLN E 112 -37.24 26.51 -2.13
CA GLN E 112 -38.21 27.04 -3.06
C GLN E 112 -39.43 27.57 -2.32
N PRO E 113 -40.00 28.68 -2.78
CA PRO E 113 -41.24 29.18 -2.15
C PRO E 113 -42.39 28.23 -2.40
N LYS E 114 -43.18 27.99 -1.35
CA LYS E 114 -44.38 27.18 -1.49
C LYS E 114 -45.44 27.94 -2.28
N ALA E 115 -46.09 27.25 -3.20
CA ALA E 115 -47.19 27.80 -3.99
C ALA E 115 -48.44 26.98 -3.72
N ASN E 116 -49.51 27.67 -3.30
CA ASN E 116 -50.75 26.97 -3.05
C ASN E 116 -51.44 26.62 -4.37
N PRO E 117 -52.18 25.51 -4.41
CA PRO E 117 -52.76 25.06 -5.67
C PRO E 117 -53.97 25.87 -6.10
N THR E 118 -54.10 26.02 -7.41
CA THR E 118 -55.34 26.49 -8.00
C THR E 118 -56.25 25.29 -8.24
N VAL E 119 -57.47 25.35 -7.73
CA VAL E 119 -58.40 24.24 -7.79
C VAL E 119 -59.63 24.68 -8.56
N THR E 120 -60.01 23.88 -9.56
CA THR E 120 -61.26 24.07 -10.31
C THR E 120 -62.05 22.77 -10.26
N LEU E 121 -63.29 22.85 -9.82
CA LEU E 121 -64.16 21.69 -9.71
C LEU E 121 -65.27 21.80 -10.74
N PHE E 122 -65.42 20.75 -11.56
CA PHE E 122 -66.43 20.71 -12.61
C PHE E 122 -67.55 19.76 -12.22
N PRO E 123 -68.81 20.16 -12.37
CA PRO E 123 -69.91 19.23 -12.19
C PRO E 123 -69.97 18.27 -13.37
N PRO E 124 -70.73 17.19 -13.27
CA PRO E 124 -70.92 16.33 -14.43
C PRO E 124 -71.55 17.12 -15.58
N SER E 125 -70.97 16.97 -16.76
CA SER E 125 -71.56 17.60 -17.93
C SER E 125 -72.96 17.04 -18.18
N SER E 126 -73.81 17.86 -18.81
CA SER E 126 -75.12 17.37 -19.22
C SER E 126 -75.01 16.22 -20.20
N GLU E 127 -73.91 16.12 -20.95
CA GLU E 127 -73.73 15.01 -21.88
C GLU E 127 -73.46 13.71 -21.13
N GLU E 128 -72.72 13.77 -20.02
CA GLU E 128 -72.39 12.56 -19.30
C GLU E 128 -73.59 12.06 -18.50
N LEU E 129 -74.32 12.96 -17.86
CA LEU E 129 -75.52 12.57 -17.13
C LEU E 129 -76.53 11.92 -18.07
N GLN E 130 -76.60 12.38 -19.32
CA GLN E 130 -77.48 11.75 -20.30
C GLN E 130 -77.02 10.34 -20.66
N ALA E 131 -75.77 10.00 -20.36
CA ALA E 131 -75.24 8.67 -20.62
C ALA E 131 -75.26 7.78 -19.37
N ASN E 132 -76.06 8.16 -18.37
CA ASN E 132 -76.19 7.39 -17.12
C ASN E 132 -74.84 7.26 -16.39
N LYS E 133 -74.03 8.32 -16.48
CA LYS E 133 -72.76 8.39 -15.78
C LYS E 133 -72.61 9.79 -15.19
N ALA E 134 -71.78 9.90 -14.16
CA ALA E 134 -71.47 11.18 -13.55
C ALA E 134 -70.04 11.14 -13.04
N THR E 135 -69.24 12.14 -13.43
CA THR E 135 -67.85 12.23 -13.01
C THR E 135 -67.57 13.67 -12.59
N LEU E 136 -67.30 13.87 -11.31
CA LEU E 136 -66.80 15.14 -10.82
C LEU E 136 -65.31 15.23 -11.09
N VAL E 137 -64.87 16.37 -11.59
CA VAL E 137 -63.48 16.57 -11.99
C VAL E 137 -62.90 17.68 -11.12
N CYS E 138 -61.83 17.36 -10.40
CA CYS E 138 -61.16 18.31 -9.52
C CYS E 138 -59.72 18.48 -9.98
N LEU E 139 -59.43 19.63 -10.59
CA LEU E 139 -58.12 19.87 -11.20
C LEU E 139 -57.28 20.74 -10.28
N ILE E 140 -56.04 20.30 -10.06
CA ILE E 140 -55.12 20.91 -9.11
C ILE E 140 -53.82 21.24 -9.84
N SER E 141 -53.45 22.52 -9.84
CA SER E 141 -52.30 22.96 -10.62
C SER E 141 -51.57 24.07 -9.87
N ASP E 142 -50.36 24.37 -10.35
CA ASP E 142 -49.57 25.52 -9.92
C ASP E 142 -49.19 25.46 -8.44
N PHE E 143 -48.88 24.26 -7.94
CA PHE E 143 -48.51 24.11 -6.55
C PHE E 143 -47.14 23.45 -6.41
N TYR E 144 -46.47 23.78 -5.30
CA TYR E 144 -45.17 23.24 -4.95
C TYR E 144 -45.02 23.30 -3.44
N PRO E 145 -44.48 22.26 -2.79
CA PRO E 145 -43.96 21.00 -3.37
C PRO E 145 -45.04 20.03 -3.83
N GLY E 146 -44.67 18.80 -4.17
CA GLY E 146 -45.59 17.90 -4.84
C GLY E 146 -46.68 17.34 -3.94
N ALA E 147 -46.42 17.25 -2.63
CA ALA E 147 -47.34 16.58 -1.73
C ALA E 147 -48.67 17.31 -1.64
N VAL E 148 -49.76 16.56 -1.71
CA VAL E 148 -51.11 17.12 -1.66
C VAL E 148 -52.09 16.00 -1.32
N THR E 149 -53.13 16.35 -0.56
CA THR E 149 -54.15 15.40 -0.11
C THR E 149 -55.52 15.87 -0.56
N VAL E 150 -56.30 14.97 -1.17
CA VAL E 150 -57.60 15.28 -1.74
C VAL E 150 -58.67 14.51 -0.97
N ALA E 151 -59.75 15.21 -0.60
CA ALA E 151 -60.86 14.61 0.12
C ALA E 151 -62.17 15.10 -0.51
N TRP E 152 -63.08 14.16 -0.79
CA TRP E 152 -64.39 14.45 -1.36
C TRP E 152 -65.46 14.38 -0.28
N LYS E 153 -66.49 15.20 -0.43
CA LYS E 153 -67.59 15.27 0.54
C LYS E 153 -68.91 15.35 -0.19
N ALA E 154 -69.88 14.54 0.25
CA ALA E 154 -71.26 14.65 -0.20
C ALA E 154 -72.01 15.42 0.88
N ASP E 155 -72.48 16.64 0.54
CA ASP E 155 -72.94 17.60 1.53
C ASP E 155 -71.83 17.90 2.54
N SER E 156 -71.89 17.27 3.71
CA SER E 156 -70.86 17.45 4.73
C SER E 156 -70.27 16.12 5.22
N SER E 157 -70.73 14.97 4.69
CA SER E 157 -70.22 13.65 5.06
C SER E 157 -69.25 13.14 4.00
N PRO E 158 -68.24 12.37 4.39
CA PRO E 158 -67.21 11.94 3.45
C PRO E 158 -67.73 10.91 2.45
N VAL E 159 -67.07 10.86 1.29
CA VAL E 159 -67.40 9.94 0.22
C VAL E 159 -66.36 8.83 0.21
N LYS E 160 -66.83 7.58 0.14
CA LYS E 160 -65.95 6.42 0.31
C LYS E 160 -65.18 6.11 -0.98
N ALA E 161 -65.87 5.54 -1.96
CA ALA E 161 -65.23 5.02 -3.17
C ALA E 161 -65.58 5.87 -4.38
N GLY E 162 -65.19 5.39 -5.56
CA GLY E 162 -65.33 6.16 -6.77
C GLY E 162 -64.29 7.25 -6.94
N VAL E 163 -63.18 7.18 -6.22
CA VAL E 163 -62.18 8.23 -6.18
C VAL E 163 -60.91 7.73 -6.83
N GLU E 164 -60.46 8.42 -7.88
CA GLU E 164 -59.19 8.15 -8.54
C GLU E 164 -58.40 9.45 -8.58
N THR E 165 -57.12 9.37 -8.22
CA THR E 165 -56.28 10.55 -8.07
C THR E 165 -54.91 10.31 -8.67
N THR E 166 -54.41 11.29 -9.41
CA THR E 166 -53.08 11.20 -9.99
C THR E 166 -52.00 11.22 -8.91
N THR E 167 -50.81 10.78 -9.29
CA THR E 167 -49.62 11.15 -8.55
C THR E 167 -49.12 12.50 -9.06
N PRO E 168 -48.77 13.42 -8.17
CA PRO E 168 -48.38 14.77 -8.62
C PRO E 168 -47.13 14.74 -9.48
N SER E 169 -47.17 15.48 -10.58
CA SER E 169 -46.07 15.57 -11.54
C SER E 169 -45.88 17.02 -11.93
N LYS E 170 -44.67 17.33 -12.41
CA LYS E 170 -44.28 18.70 -12.71
C LYS E 170 -44.73 19.12 -14.10
N GLN E 171 -45.15 20.39 -14.21
CA GLN E 171 -45.58 20.97 -15.48
C GLN E 171 -44.43 21.80 -16.07
N SER E 172 -44.75 22.70 -17.00
CA SER E 172 -43.70 23.38 -17.75
C SER E 172 -42.97 24.43 -16.91
N ASN E 173 -43.66 25.07 -15.96
CA ASN E 173 -43.03 26.08 -15.11
C ASN E 173 -42.55 25.51 -13.78
N ASN E 174 -42.14 24.24 -13.78
CA ASN E 174 -41.50 23.59 -12.63
C ASN E 174 -42.40 23.55 -11.41
N LYS E 175 -43.71 23.57 -11.61
CA LYS E 175 -44.69 23.39 -10.55
C LYS E 175 -45.44 22.08 -10.76
N TYR E 176 -46.09 21.61 -9.71
CA TYR E 176 -46.79 20.34 -9.76
C TYR E 176 -48.25 20.53 -10.15
N ALA E 177 -48.80 19.50 -10.79
CA ALA E 177 -50.19 19.46 -11.18
C ALA E 177 -50.75 18.08 -10.90
N ALA E 178 -51.96 18.03 -10.34
CA ALA E 178 -52.62 16.78 -10.02
C ALA E 178 -54.10 16.91 -10.31
N SER E 179 -54.79 15.76 -10.29
CA SER E 179 -56.22 15.75 -10.55
C SER E 179 -56.84 14.56 -9.84
N SER E 180 -58.11 14.71 -9.46
CA SER E 180 -58.85 13.65 -8.81
C SER E 180 -60.25 13.56 -9.44
N TYR E 181 -60.72 12.33 -9.63
CA TYR E 181 -61.99 12.07 -10.31
C TYR E 181 -62.92 11.29 -9.39
N LEU E 182 -64.13 11.81 -9.18
CA LEU E 182 -65.15 11.13 -8.40
C LEU E 182 -66.21 10.56 -9.33
N SER E 183 -66.35 9.24 -9.34
CA SER E 183 -67.38 8.58 -10.12
C SER E 183 -68.65 8.44 -9.29
N LEU E 184 -69.79 8.81 -9.87
CA LEU E 184 -71.07 8.70 -9.21
C LEU E 184 -72.12 8.23 -10.21
N THR E 185 -73.20 7.68 -9.68
CA THR E 185 -74.35 7.49 -10.55
C THR E 185 -75.18 8.77 -10.59
N PRO E 186 -75.86 9.05 -11.70
CA PRO E 186 -76.67 10.28 -11.78
C PRO E 186 -77.71 10.40 -10.67
N GLU E 187 -78.11 9.29 -10.05
CA GLU E 187 -79.04 9.37 -8.93
C GLU E 187 -78.34 9.87 -7.67
N GLN E 188 -77.12 9.40 -7.40
CA GLN E 188 -76.38 9.89 -6.24
C GLN E 188 -76.02 11.37 -6.35
N TRP E 189 -75.79 11.85 -7.58
CA TRP E 189 -75.40 13.23 -7.78
C TRP E 189 -76.52 14.20 -7.38
N LYS E 190 -77.75 13.93 -7.83
CA LYS E 190 -78.87 14.81 -7.54
C LYS E 190 -79.52 14.54 -6.18
N SER E 191 -79.05 13.55 -5.43
CA SER E 191 -79.67 13.26 -4.14
C SER E 191 -79.16 14.20 -3.06
N HIS E 192 -77.87 14.50 -3.06
CA HIS E 192 -77.30 15.46 -2.14
C HIS E 192 -77.38 16.86 -2.74
N ARG E 193 -77.40 17.87 -1.86
CA ARG E 193 -77.49 19.24 -2.32
C ARG E 193 -76.18 19.74 -2.92
N SER E 194 -75.05 19.20 -2.48
CA SER E 194 -73.76 19.69 -2.95
C SER E 194 -72.70 18.62 -2.76
N TYR E 195 -71.64 18.71 -3.55
CA TYR E 195 -70.44 17.92 -3.40
C TYR E 195 -69.24 18.86 -3.31
N SER E 196 -68.23 18.45 -2.54
CA SER E 196 -67.08 19.29 -2.28
C SER E 196 -65.79 18.53 -2.57
N CYS E 197 -64.79 19.23 -3.09
CA CYS E 197 -63.45 18.71 -3.30
C CYS E 197 -62.52 19.46 -2.36
N GLN E 198 -61.98 18.77 -1.36
CA GLN E 198 -61.12 19.38 -0.36
C GLN E 198 -59.67 19.02 -0.68
N VAL E 199 -58.92 20.01 -1.16
CA VAL E 199 -57.53 19.84 -1.56
C VAL E 199 -56.66 20.38 -0.42
N THR E 200 -55.96 19.49 0.28
CA THR E 200 -55.09 19.87 1.38
C THR E 200 -53.64 19.78 0.92
N HIS E 201 -52.93 20.91 1.00
CA HIS E 201 -51.55 20.99 0.56
C HIS E 201 -50.77 21.87 1.53
N GLU E 202 -49.77 21.29 2.19
CA GLU E 202 -48.92 22.01 3.13
C GLU E 202 -49.74 22.70 4.23
N GLY E 203 -50.75 21.99 4.74
CA GLY E 203 -51.51 22.44 5.89
C GLY E 203 -52.66 23.38 5.61
N SER E 204 -52.85 23.80 4.36
CA SER E 204 -53.94 24.69 3.97
C SER E 204 -54.89 23.97 3.03
N THR E 205 -56.19 24.18 3.24
CA THR E 205 -57.23 23.44 2.54
C THR E 205 -58.00 24.36 1.60
N VAL E 206 -58.14 23.96 0.35
CA VAL E 206 -58.98 24.63 -0.63
C VAL E 206 -60.20 23.76 -0.88
N GLU E 207 -61.39 24.35 -0.76
CA GLU E 207 -62.63 23.62 -0.91
C GLU E 207 -63.50 24.32 -1.95
N LYS E 208 -63.69 23.67 -3.10
CA LYS E 208 -64.65 24.10 -4.10
C LYS E 208 -65.88 23.19 -4.03
N THR E 209 -67.03 23.76 -4.36
CA THR E 209 -68.31 23.08 -4.19
C THR E 209 -69.17 23.25 -5.42
N VAL E 210 -69.84 22.17 -5.83
CA VAL E 210 -70.80 22.19 -6.92
C VAL E 210 -72.11 21.57 -6.44
N ALA E 211 -73.20 21.97 -7.08
CA ALA E 211 -74.54 21.54 -6.72
C ALA E 211 -75.31 21.14 -7.98
N PRO E 212 -76.26 20.22 -7.85
CA PRO E 212 -77.05 19.85 -9.04
C PRO E 212 -77.99 20.95 -9.51
N THR E 213 -78.66 21.63 -8.58
CA THR E 213 -79.63 22.65 -8.95
C THR E 213 -78.97 23.97 -9.34
N GLU E 214 -77.88 24.34 -8.66
CA GLU E 214 -77.19 25.60 -8.97
C GLU E 214 -76.30 25.46 -10.21
C1 NAG F . 13.53 -10.17 8.09
C2 NAG F . 12.69 -8.90 8.33
C3 NAG F . 13.21 -8.15 9.55
C4 NAG F . 13.32 -9.07 10.76
C5 NAG F . 14.12 -10.31 10.40
C6 NAG F . 14.20 -11.33 11.52
C7 NAG F . 11.80 -8.11 6.18
C8 NAG F . 11.98 -7.15 5.04
N2 NAG F . 12.71 -8.03 7.16
O3 NAG F . 12.31 -7.08 9.85
O4 NAG F . 14.00 -8.40 11.81
O5 NAG F . 13.53 -10.97 9.27
O6 NAG F . 12.93 -11.67 12.05
O7 NAG F . 10.89 -8.93 6.20
C1 NAG F . 13.12 -8.16 12.92
C2 NAG F . 13.98 -7.57 14.04
C3 NAG F . 13.11 -7.15 15.24
C4 NAG F . 11.91 -6.31 14.80
C5 NAG F . 11.17 -7.02 13.67
C6 NAG F . 10.01 -6.23 13.11
C7 NAG F . 16.25 -8.50 14.06
C8 NAG F . 17.15 -9.57 14.61
N2 NAG F . 14.98 -8.53 14.47
O3 NAG F . 13.90 -6.40 16.16
O4 NAG F . 11.02 -6.18 15.90
O5 NAG F . 12.09 -7.26 12.58
O6 NAG F . 10.45 -5.32 12.11
O7 NAG F . 16.66 -7.63 13.29
C1 BMA F . 10.84 -4.80 16.30
C2 BMA F . 9.45 -4.77 17.00
C3 BMA F . 9.24 -3.49 17.82
C4 BMA F . 10.51 -3.04 18.56
C5 BMA F . 11.71 -3.00 17.61
C6 BMA F . 12.99 -2.54 18.27
O2 BMA F . 9.31 -5.87 17.89
O3 BMA F . 8.18 -3.66 18.75
O4 BMA F . 10.31 -1.74 19.12
O5 BMA F . 11.89 -4.34 17.14
O6 BMA F . 13.56 -3.65 18.96
C1 FUC F . 13.13 -12.47 13.25
C2 FUC F . 11.76 -12.84 13.86
C3 FUC F . 10.96 -13.71 12.90
C4 FUC F . 11.76 -15.00 12.62
C5 FUC F . 13.20 -14.67 12.12
C6 FUC F . 14.12 -15.91 12.15
O2 FUC F . 10.99 -11.69 14.25
O3 FUC F . 9.70 -14.08 13.48
O4 FUC F . 11.83 -15.76 13.81
O5 FUC F . 13.87 -13.66 12.93
#